data_3C0V
#
_entry.id   3C0V
#
_cell.length_a   113.219
_cell.length_b   113.219
_cell.length_c   85.077
_cell.angle_alpha   90.00
_cell.angle_beta   90.00
_cell.angle_gamma   120.00
#
_symmetry.space_group_name_H-M   'P 64'
#
loop_
_entity.id
_entity.type
_entity.pdbx_description
1 polymer 'Cytokinin-specific binding protein'
2 non-polymer (2E)-2-methyl-4-(9H-purin-6-ylamino)but-2-en-1-ol
3 non-polymer 'HEXATANTALUM DODECABROMIDE'
4 non-polymer '4-(2-HYDROXYETHYL)-1-PIPERAZINE ETHANESULFONIC ACID'
5 non-polymer 'SODIUM ION'
6 water water
#
_entity_poly.entity_id   1
_entity_poly.type   'polypeptide(L)'
_entity_poly.pdbx_seq_one_letter_code
;MVKEFNTQTELSVRLEALWAVLSKDFITVVPKVLPHIVKDVQLIEGDGGVGTILIFNFLPEVSPSYQREEITEFDESSHE
IGLQVIEGGYLSQGLSYYKTTFKLSEIEEDKTLVNVKISYDHDSDIEEKVTPTKTSQSTLMYLRRLERYLSNGSA
;
_entity_poly.pdbx_strand_id   A,B,C,D
#
loop_
_chem_comp.id
_chem_comp.type
_chem_comp.name
_chem_comp.formula
EPE non-polymer '4-(2-HYDROXYETHYL)-1-PIPERAZINE ETHANESULFONIC ACID' 'C8 H18 N2 O4 S'
NA non-polymer 'SODIUM ION' 'Na 1'
TBR non-polymer 'HEXATANTALUM DODECABROMIDE' 'Br12 Ta6'
ZEA non-polymer (2E)-2-methyl-4-(9H-purin-6-ylamino)but-2-en-1-ol 'C10 H13 N5 O'
#
# COMPACT_ATOMS: atom_id res chain seq x y z
N MET A 1 23.22 37.44 41.75
CA MET A 1 23.82 36.38 40.89
C MET A 1 22.70 35.39 40.50
N VAL A 2 22.86 34.72 39.37
CA VAL A 2 21.76 33.95 38.80
C VAL A 2 21.55 32.69 39.67
N LYS A 3 20.29 32.40 39.97
CA LYS A 3 19.89 31.21 40.73
C LYS A 3 19.17 30.27 39.83
N GLU A 4 19.02 29.02 40.27
CA GLU A 4 18.31 28.10 39.41
C GLU A 4 17.17 27.41 40.14
N PHE A 5 16.16 27.04 39.38
CA PHE A 5 15.02 26.26 39.85
C PHE A 5 14.83 25.14 38.81
N ASN A 6 14.75 23.91 39.28
CA ASN A 6 14.56 22.79 38.37
C ASN A 6 13.33 21.99 38.71
N THR A 7 12.61 21.55 37.68
CA THR A 7 11.45 20.70 37.94
C THR A 7 11.30 19.81 36.71
N GLN A 8 10.27 18.99 36.71
CA GLN A 8 10.05 18.11 35.57
C GLN A 8 8.61 17.60 35.57
N THR A 9 8.18 17.11 34.43
CA THR A 9 6.88 16.50 34.29
C THR A 9 6.96 15.44 33.18
N GLU A 10 6.21 14.36 33.39
CA GLU A 10 6.09 13.29 32.37
C GLU A 10 4.76 13.46 31.65
N LEU A 11 4.81 13.53 30.34
CA LEU A 11 3.65 13.80 29.47
C LEU A 11 3.37 12.58 28.61
N SER A 12 2.09 12.28 28.45
CA SER A 12 1.59 11.10 27.72
C SER A 12 1.50 11.44 26.20
N VAL A 13 2.62 11.76 25.60
CA VAL A 13 2.71 12.12 24.19
C VAL A 13 4.04 11.59 23.65
N ARG A 14 4.09 11.32 22.35
CA ARG A 14 5.34 10.90 21.68
C ARG A 14 6.33 12.06 21.68
N LEU A 15 7.63 11.73 21.82
CA LEU A 15 8.68 12.74 21.94
C LEU A 15 8.66 13.65 20.71
N GLU A 16 8.58 13.06 19.52
CA GLU A 16 8.67 13.87 18.29
C GLU A 16 7.47 14.83 18.15
N ALA A 17 6.27 14.41 18.58
CA ALA A 17 5.13 15.33 18.52
C ALA A 17 5.35 16.50 19.48
N LEU A 18 5.83 16.19 20.66
CA LEU A 18 5.99 17.24 21.68
C LEU A 18 7.09 18.16 21.27
N TRP A 19 8.19 17.58 20.77
CA TRP A 19 9.31 18.39 20.26
C TRP A 19 8.88 19.41 19.14
N ALA A 20 8.08 18.95 18.19
CA ALA A 20 7.62 19.82 17.08
C ALA A 20 6.87 21.03 17.63
N VAL A 21 5.95 20.80 18.54
CA VAL A 21 5.11 21.90 18.96
C VAL A 21 5.88 22.81 19.90
N LEU A 22 6.71 22.22 20.74
CA LEU A 22 7.46 22.97 21.69
C LEU A 22 8.47 23.83 21.04
N SER A 23 9.17 23.28 20.04
CA SER A 23 10.34 23.93 19.47
C SER A 23 10.09 24.68 18.18
N LYS A 24 9.04 24.34 17.43
CA LYS A 24 8.97 24.81 16.07
C LYS A 24 7.58 25.35 15.73
N ASP A 25 6.55 24.67 16.22
CA ASP A 25 5.19 24.92 15.74
C ASP A 25 4.35 25.75 16.71
N PHE A 26 4.98 26.43 17.69
CA PHE A 26 4.23 27.04 18.81
C PHE A 26 3.49 28.36 18.50
N ILE A 27 3.81 28.98 17.37
CA ILE A 27 3.24 30.33 17.09
C ILE A 27 1.72 30.40 17.14
N THR A 28 1.04 29.46 16.47
CA THR A 28 -0.43 29.47 16.52
C THR A 28 -0.98 28.77 17.75
N VAL A 29 -0.19 27.89 18.34
CA VAL A 29 -0.64 27.05 19.45
C VAL A 29 -0.65 27.81 20.78
N VAL A 30 0.37 28.63 21.06
CA VAL A 30 0.41 29.28 22.39
C VAL A 30 -0.92 30.03 22.72
N PRO A 31 -1.44 30.87 21.78
CA PRO A 31 -2.67 31.61 22.07
C PRO A 31 -3.91 30.70 22.24
N LYS A 32 -3.94 29.60 21.52
CA LYS A 32 -5.03 28.62 21.61
C LYS A 32 -5.06 27.88 22.93
N VAL A 33 -3.89 27.58 23.51
CA VAL A 33 -3.75 26.83 24.75
C VAL A 33 -3.65 27.72 25.97
N LEU A 34 -3.20 28.96 25.80
CA LEU A 34 -3.26 29.96 26.89
C LEU A 34 -4.16 31.15 26.52
N PRO A 35 -5.42 30.90 26.15
CA PRO A 35 -6.25 32.05 25.72
C PRO A 35 -6.55 33.08 26.83
N HIS A 36 -6.27 32.75 28.09
CA HIS A 36 -6.53 33.64 29.23
C HIS A 36 -5.34 34.57 29.47
N ILE A 37 -4.25 34.41 28.70
CA ILE A 37 -3.05 35.25 28.85
C ILE A 37 -2.56 35.78 27.53
N VAL A 38 -2.40 34.88 26.55
CA VAL A 38 -1.71 35.22 25.33
C VAL A 38 -2.70 35.49 24.17
N LYS A 39 -2.65 36.71 23.64
CA LYS A 39 -3.45 37.11 22.50
C LYS A 39 -2.85 36.59 21.19
N ASP A 40 -1.59 36.90 20.98
CA ASP A 40 -0.82 36.40 19.83
C ASP A 40 0.69 36.30 20.10
N VAL A 41 1.36 35.58 19.19
CA VAL A 41 2.84 35.50 19.15
C VAL A 41 3.32 35.92 17.77
N GLN A 42 4.31 36.81 17.77
CA GLN A 42 4.87 37.37 16.53
C GLN A 42 6.32 36.90 16.52
N LEU A 43 6.74 36.35 15.38
CA LEU A 43 8.13 36.00 15.22
C LEU A 43 8.80 37.21 14.56
N ILE A 44 9.75 37.83 15.20
CA ILE A 44 10.14 39.15 14.63
C ILE A 44 11.53 39.21 14.03
N GLU A 45 12.37 38.28 14.41
CA GLU A 45 13.68 38.16 13.80
C GLU A 45 14.02 36.69 13.85
N GLY A 46 14.74 36.22 12.82
CA GLY A 46 15.24 34.85 12.78
C GLY A 46 14.26 33.92 12.12
N ASP A 47 14.60 32.64 12.12
CA ASP A 47 13.89 31.68 11.28
C ASP A 47 13.57 30.47 12.12
N GLY A 48 13.63 30.63 13.43
CA GLY A 48 13.31 29.55 14.35
C GLY A 48 14.44 29.03 15.18
N GLY A 49 15.68 29.31 14.76
CA GLY A 49 16.81 28.89 15.53
C GLY A 49 17.30 29.87 16.58
N VAL A 50 18.54 29.69 16.98
CA VAL A 50 19.13 30.54 17.97
C VAL A 50 19.12 32.01 17.51
N GLY A 51 18.85 32.89 18.43
CA GLY A 51 18.68 34.30 18.07
C GLY A 51 17.27 34.71 17.62
N THR A 52 16.35 33.75 17.45
CA THR A 52 14.99 34.08 17.06
C THR A 52 14.41 34.91 18.15
N ILE A 53 13.69 35.97 17.80
CA ILE A 53 13.08 36.83 18.79
C ILE A 53 11.57 36.78 18.59
N LEU A 54 10.85 36.60 19.71
CA LEU A 54 9.39 36.47 19.74
C LEU A 54 8.79 37.56 20.59
N ILE A 55 7.66 38.10 20.16
CA ILE A 55 6.91 39.00 20.99
C ILE A 55 5.64 38.24 21.34
N PHE A 56 5.32 38.13 22.63
CA PHE A 56 4.02 37.59 23.07
C PHE A 56 3.21 38.77 23.43
N ASN A 57 2.12 39.01 22.68
CA ASN A 57 1.22 40.08 23.04
C ASN A 57 0.20 39.49 24.00
N PHE A 58 -0.01 40.15 25.15
CA PHE A 58 -0.96 39.61 26.14
C PHE A 58 -2.36 40.21 25.97
N LEU A 59 -3.33 39.72 26.70
CA LEU A 59 -4.67 40.32 26.64
C LEU A 59 -4.66 41.77 27.12
N PRO A 60 -5.55 42.61 26.56
CA PRO A 60 -5.66 44.02 26.98
C PRO A 60 -5.60 44.29 28.49
N GLU A 61 -6.16 43.40 29.31
CA GLU A 61 -6.15 43.59 30.77
C GLU A 61 -4.78 43.44 31.44
N VAL A 62 -3.86 42.78 30.75
CA VAL A 62 -2.54 42.44 31.31
C VAL A 62 -1.52 43.60 31.22
N SER A 63 -0.82 43.82 32.34
CA SER A 63 0.30 44.77 32.41
C SER A 63 1.48 44.09 33.08
N PRO A 64 2.65 43.98 32.38
CA PRO A 64 2.95 44.55 31.06
C PRO A 64 2.13 43.89 29.97
N SER A 65 1.91 44.56 28.85
CA SER A 65 1.03 44.00 27.82
C SER A 65 1.76 43.05 26.89
N TYR A 66 3.06 42.85 27.11
CA TYR A 66 3.79 41.98 26.23
C TYR A 66 5.05 41.47 26.89
N GLN A 67 5.69 40.49 26.25
CA GLN A 67 7.00 40.05 26.68
C GLN A 67 7.81 39.72 25.43
N ARG A 68 9.08 40.11 25.36
CA ARG A 68 9.99 39.77 24.25
C ARG A 68 10.91 38.67 24.75
N GLU A 69 10.94 37.54 24.02
CA GLU A 69 11.80 36.43 24.40
C GLU A 69 12.69 36.08 23.20
N GLU A 70 13.85 35.50 23.49
CA GLU A 70 14.82 35.12 22.48
C GLU A 70 15.14 33.65 22.66
N ILE A 71 15.20 32.90 21.57
CA ILE A 71 15.69 31.50 21.63
C ILE A 71 17.22 31.57 21.76
N THR A 72 17.72 31.16 22.93
CA THR A 72 19.16 31.27 23.27
C THR A 72 19.90 29.95 23.13
N GLU A 73 19.16 28.83 23.15
CA GLU A 73 19.75 27.57 22.74
C GLU A 73 18.73 26.69 22.08
N PHE A 74 19.24 25.85 21.20
CA PHE A 74 18.43 24.99 20.38
C PHE A 74 19.30 23.84 20.00
N ASP A 75 18.99 22.66 20.52
CA ASP A 75 19.76 21.49 20.06
C ASP A 75 18.82 20.40 19.66
N GLU A 76 18.84 20.13 18.37
CA GLU A 76 17.92 19.19 17.82
C GLU A 76 18.18 17.73 18.28
N SER A 77 19.45 17.34 18.44
CA SER A 77 19.73 15.94 18.80
C SER A 77 19.41 15.63 20.25
N SER A 78 19.56 16.60 21.15
CA SER A 78 19.28 16.34 22.55
C SER A 78 17.92 16.91 22.94
N HIS A 79 17.23 17.52 21.97
CA HIS A 79 15.84 18.03 22.20
C HIS A 79 15.80 19.05 23.34
N GLU A 80 16.69 20.03 23.25
CA GLU A 80 16.80 21.08 24.23
C GLU A 80 16.55 22.42 23.55
N ILE A 81 15.75 23.26 24.20
CA ILE A 81 15.50 24.60 23.70
C ILE A 81 15.44 25.51 24.88
N GLY A 82 16.11 26.66 24.78
CA GLY A 82 16.15 27.63 25.89
C GLY A 82 15.65 28.96 25.40
N LEU A 83 14.84 29.63 26.24
CA LEU A 83 14.23 30.91 25.90
C LEU A 83 14.51 31.91 27.02
N GLN A 84 15.11 33.05 26.68
CA GLN A 84 15.37 34.12 27.65
C GLN A 84 14.40 35.28 27.45
N VAL A 85 13.80 35.74 28.56
CA VAL A 85 12.97 36.97 28.54
C VAL A 85 13.99 38.10 28.40
N ILE A 86 13.82 38.91 27.35
CA ILE A 86 14.74 40.01 27.15
C ILE A 86 14.07 41.39 27.36
N GLU A 87 12.75 41.46 27.41
CA GLU A 87 12.04 42.75 27.63
C GLU A 87 10.64 42.43 28.07
N GLY A 88 10.13 43.21 29.01
CA GLY A 88 8.74 43.08 29.43
C GLY A 88 8.54 41.85 30.26
N GLY A 89 7.29 41.42 30.40
CA GLY A 89 6.96 40.19 31.14
C GLY A 89 7.54 40.30 32.55
N TYR A 90 8.09 39.19 33.06
CA TYR A 90 8.72 39.18 34.40
C TYR A 90 9.79 40.22 34.66
N LEU A 91 10.51 40.61 33.63
CA LEU A 91 11.52 41.69 33.80
C LEU A 91 10.92 43.05 34.20
N SER A 92 9.60 43.20 34.04
CA SER A 92 8.89 44.43 34.39
C SER A 92 8.25 44.24 35.75
N GLN A 93 8.47 43.08 36.33
CA GLN A 93 7.86 42.77 37.61
C GLN A 93 8.87 42.41 38.69
N GLY A 94 10.09 42.92 38.58
CA GLY A 94 11.08 42.73 39.62
C GLY A 94 12.22 41.78 39.35
N LEU A 95 12.15 41.04 38.24
CA LEU A 95 13.25 40.19 37.83
C LEU A 95 14.30 40.94 37.01
N SER A 96 15.57 40.62 37.19
CA SER A 96 16.59 41.23 36.36
C SER A 96 17.06 40.25 35.29
N TYR A 97 16.65 38.98 35.45
CA TYR A 97 17.11 37.91 34.55
C TYR A 97 16.12 36.78 34.63
N TYR A 98 15.75 36.23 33.48
CA TYR A 98 14.84 35.07 33.47
C TYR A 98 15.04 34.28 32.21
N LYS A 99 15.33 32.98 32.35
CA LYS A 99 15.51 32.07 31.24
C LYS A 99 14.86 30.73 31.59
N THR A 100 14.32 30.05 30.59
CA THR A 100 13.64 28.73 30.81
C THR A 100 14.24 27.80 29.78
N THR A 101 14.80 26.68 30.21
CA THR A 101 15.34 25.69 29.32
C THR A 101 14.51 24.40 29.44
N PHE A 102 14.05 23.86 28.30
CA PHE A 102 13.26 22.62 28.28
C PHE A 102 14.15 21.54 27.64
N LYS A 103 14.17 20.34 28.22
CA LYS A 103 14.91 19.22 27.63
C LYS A 103 13.97 18.03 27.66
N LEU A 104 13.82 17.35 26.52
CA LEU A 104 12.89 16.25 26.40
C LEU A 104 13.65 14.95 26.33
N SER A 105 13.09 13.89 26.87
CA SER A 105 13.76 12.59 26.74
C SER A 105 12.66 11.52 26.70
N GLU A 106 12.94 10.43 25.99
CA GLU A 106 11.88 9.45 25.79
C GLU A 106 11.88 8.49 26.98
N ILE A 107 10.75 8.37 27.68
CA ILE A 107 10.60 7.39 28.77
C ILE A 107 10.08 6.08 28.20
N GLU A 108 9.02 6.17 27.41
CA GLU A 108 8.55 5.04 26.60
C GLU A 108 7.99 5.67 25.35
N GLU A 109 7.48 4.86 24.45
CA GLU A 109 6.99 5.40 23.18
C GLU A 109 5.99 6.58 23.35
N ASP A 110 5.05 6.42 24.28
CA ASP A 110 4.07 7.45 24.52
C ASP A 110 4.23 8.12 25.85
N LYS A 111 5.45 8.10 26.41
CA LYS A 111 5.74 8.89 27.60
C LYS A 111 7.00 9.68 27.36
N THR A 112 6.90 11.00 27.53
CA THR A 112 8.04 11.87 27.34
C THR A 112 8.36 12.70 28.61
N LEU A 113 9.61 12.67 29.07
CA LEU A 113 9.99 13.47 30.24
C LEU A 113 10.41 14.86 29.80
N VAL A 114 9.89 15.87 30.47
CA VAL A 114 10.34 17.22 30.17
C VAL A 114 11.07 17.72 31.42
N ASN A 115 12.36 17.99 31.31
CA ASN A 115 13.06 18.61 32.43
C ASN A 115 12.96 20.12 32.16
N VAL A 116 12.77 20.89 33.22
CA VAL A 116 12.62 22.37 33.06
C VAL A 116 13.60 23.02 34.00
N LYS A 117 14.52 23.81 33.43
CA LYS A 117 15.46 24.56 34.25
C LYS A 117 15.16 26.04 34.09
N ILE A 118 14.86 26.69 35.19
CA ILE A 118 14.62 28.13 35.21
C ILE A 118 15.80 28.83 35.90
N SER A 119 16.44 29.77 35.21
CA SER A 119 17.49 30.61 35.80
C SER A 119 16.99 32.02 35.92
N TYR A 120 17.30 32.69 37.03
CA TYR A 120 16.62 33.97 37.34
C TYR A 120 17.46 34.73 38.35
N ASP A 121 17.16 36.02 38.44
CA ASP A 121 17.73 36.86 39.45
C ASP A 121 16.84 38.09 39.61
N HIS A 122 17.07 38.83 40.68
CA HIS A 122 16.33 40.05 40.96
C HIS A 122 17.25 40.89 41.84
N ASP A 123 17.28 42.20 41.62
CA ASP A 123 18.17 43.07 42.43
C ASP A 123 17.68 43.36 43.86
N SER A 124 16.37 43.21 44.09
CA SER A 124 15.81 43.43 45.44
C SER A 124 14.88 42.29 45.87
N ASP A 125 14.22 42.46 47.02
CA ASP A 125 13.18 41.54 47.45
C ASP A 125 12.03 41.57 46.45
N ILE A 126 11.50 40.38 46.11
CA ILE A 126 10.47 40.24 45.07
C ILE A 126 9.10 39.73 45.56
N GLU A 127 8.07 40.02 44.77
CA GLU A 127 6.70 39.59 45.06
C GLU A 127 6.54 38.12 44.67
N GLU A 128 5.63 37.42 45.37
CA GLU A 128 5.36 36.00 45.14
C GLU A 128 5.16 35.69 43.67
N LYS A 129 4.47 36.60 42.97
CA LYS A 129 4.05 36.35 41.59
C LYS A 129 5.22 36.19 40.64
N VAL A 130 6.40 36.63 41.07
CA VAL A 130 7.60 36.39 40.29
C VAL A 130 8.59 35.42 40.95
N THR A 131 8.19 34.75 42.05
CA THR A 131 9.03 33.65 42.58
C THR A 131 9.01 32.49 41.56
N PRO A 132 10.10 31.73 41.45
CA PRO A 132 10.10 30.65 40.49
C PRO A 132 9.22 29.47 40.92
N THR A 133 8.94 29.32 42.22
CA THR A 133 7.87 28.38 42.60
C THR A 133 6.57 28.68 41.93
N LYS A 134 6.31 29.97 41.70
CA LYS A 134 5.09 30.41 41.07
C LYS A 134 5.24 30.37 39.55
N THR A 135 6.34 30.93 39.02
CA THR A 135 6.52 31.00 37.56
C THR A 135 6.61 29.60 36.96
N SER A 136 7.23 28.67 37.70
CA SER A 136 7.33 27.30 37.18
C SER A 136 5.95 26.67 37.05
N GLN A 137 5.03 26.98 37.94
CA GLN A 137 3.66 26.43 37.89
C GLN A 137 2.97 26.84 36.55
N SER A 138 3.21 28.06 36.09
CA SER A 138 2.62 28.56 34.82
C SER A 138 3.25 27.73 33.68
N THR A 139 4.58 27.52 33.77
CA THR A 139 5.26 26.80 32.71
C THR A 139 4.81 25.35 32.66
N LEU A 140 4.61 24.73 33.82
CA LEU A 140 4.16 23.33 33.84
C LEU A 140 2.75 23.24 33.31
N MET A 141 1.94 24.25 33.59
CA MET A 141 0.54 24.28 33.07
C MET A 141 0.50 24.33 31.57
N TYR A 142 1.41 25.13 30.99
CA TYR A 142 1.52 25.25 29.53
C TYR A 142 1.91 23.87 28.95
N LEU A 143 2.93 23.22 29.55
CA LEU A 143 3.35 21.92 29.09
C LEU A 143 2.23 20.89 29.13
N ARG A 144 1.45 20.92 30.21
CA ARG A 144 0.37 19.93 30.26
C ARG A 144 -0.73 20.29 29.25
N ARG A 145 -0.93 21.59 29.00
CA ARG A 145 -1.86 21.98 27.90
C ARG A 145 -1.40 21.60 26.46
N LEU A 146 -0.11 21.54 26.27
CA LEU A 146 0.39 21.01 24.99
C LEU A 146 0.04 19.55 24.87
N GLU A 147 0.24 18.80 25.95
CA GLU A 147 -0.11 17.38 25.98
C GLU A 147 -1.57 17.22 25.58
N ARG A 148 -2.45 18.03 26.19
CA ARG A 148 -3.89 17.99 25.88
C ARG A 148 -4.19 18.39 24.43
N TYR A 149 -3.55 19.45 23.96
CA TYR A 149 -3.64 19.88 22.55
C TYR A 149 -3.30 18.72 21.60
N LEU A 150 -2.22 18.01 21.92
CA LEU A 150 -1.75 16.90 21.07
C LEU A 150 -2.61 15.64 21.16
N SER A 151 -3.43 15.54 22.20
CA SER A 151 -4.26 14.36 22.43
C SER A 151 -5.66 14.57 21.85
N MET B 1 -0.89 8.94 -18.96
CA MET B 1 -0.22 10.28 -18.97
C MET B 1 -0.69 11.16 -17.82
N VAL B 2 0.23 11.95 -17.25
CA VAL B 2 -0.06 12.84 -16.13
C VAL B 2 -1.07 13.90 -16.59
N LYS B 3 -2.16 13.97 -15.85
CA LYS B 3 -3.27 14.91 -16.10
C LYS B 3 -3.37 15.88 -14.97
N GLU B 4 -4.11 16.98 -15.17
CA GLU B 4 -4.28 17.99 -14.11
C GLU B 4 -5.73 18.18 -13.69
N PHE B 5 -5.89 18.56 -12.43
CA PHE B 5 -7.17 19.04 -11.91
C PHE B 5 -6.84 20.31 -11.13
N ASN B 6 -7.44 21.43 -11.48
CA ASN B 6 -7.15 22.68 -10.78
C ASN B 6 -8.39 23.20 -10.10
N THR B 7 -8.22 23.74 -8.91
CA THR B 7 -9.33 24.42 -8.23
C THR B 7 -8.75 25.54 -7.37
N GLN B 8 -9.61 26.31 -6.74
CA GLN B 8 -9.12 27.43 -5.95
C GLN B 8 -10.10 27.78 -4.92
N THR B 9 -9.61 28.51 -3.92
CA THR B 9 -10.52 29.00 -2.89
C THR B 9 -9.97 30.28 -2.26
N GLU B 10 -10.85 31.24 -1.98
CA GLU B 10 -10.44 32.47 -1.29
C GLU B 10 -10.72 32.34 0.21
N LEU B 11 -9.67 32.44 1.01
CA LEU B 11 -9.79 32.27 2.43
C LEU B 11 -9.64 33.64 3.12
N SER B 12 -10.42 33.87 4.17
CA SER B 12 -10.36 35.14 4.88
C SER B 12 -9.33 35.06 5.99
N VAL B 13 -8.07 34.99 5.57
CA VAL B 13 -6.92 34.93 6.47
C VAL B 13 -5.85 35.73 5.78
N ARG B 14 -4.91 36.29 6.55
CA ARG B 14 -3.83 37.06 5.95
C ARG B 14 -2.80 36.10 5.36
N LEU B 15 -2.20 36.48 4.24
CA LEU B 15 -1.32 35.59 3.49
C LEU B 15 -0.15 35.09 4.34
N GLU B 16 0.52 35.98 5.09
CA GLU B 16 1.68 35.49 5.88
C GLU B 16 1.31 34.45 6.94
N ALA B 17 0.18 34.62 7.62
CA ALA B 17 -0.26 33.63 8.63
C ALA B 17 -0.62 32.29 8.03
N LEU B 18 -1.29 32.34 6.88
CA LEU B 18 -1.68 31.11 6.18
C LEU B 18 -0.46 30.41 5.66
N TRP B 19 0.49 31.16 5.11
CA TRP B 19 1.70 30.55 4.53
C TRP B 19 2.55 29.88 5.63
N ALA B 20 2.60 30.54 6.79
CA ALA B 20 3.32 29.98 7.91
C ALA B 20 2.82 28.61 8.27
N VAL B 21 1.50 28.49 8.53
CA VAL B 21 0.97 27.19 8.92
C VAL B 21 1.05 26.16 7.81
N LEU B 22 0.74 26.59 6.58
CA LEU B 22 0.68 25.65 5.49
C LEU B 22 2.07 25.11 5.21
N SER B 23 3.08 25.99 5.21
CA SER B 23 4.42 25.59 4.71
C SER B 23 5.41 25.13 5.80
N LYS B 24 5.10 25.46 7.05
CA LYS B 24 6.06 25.25 8.12
C LYS B 24 5.54 24.53 9.36
N ASP B 25 4.25 24.71 9.69
CA ASP B 25 3.74 24.21 11.00
C ASP B 25 2.88 22.98 10.90
N PHE B 26 2.91 22.32 9.75
CA PHE B 26 2.03 21.22 9.43
C PHE B 26 2.21 20.01 10.36
N ILE B 27 3.40 19.79 10.91
CA ILE B 27 3.53 18.55 11.72
C ILE B 27 2.48 18.55 12.86
N THR B 28 2.32 19.72 13.46
CA THR B 28 1.45 19.91 14.64
C THR B 28 0.02 20.25 14.18
N VAL B 29 -0.09 21.10 13.17
CA VAL B 29 -1.40 21.66 12.82
C VAL B 29 -2.26 20.63 12.05
N VAL B 30 -1.63 19.80 11.21
CA VAL B 30 -2.46 18.87 10.40
C VAL B 30 -3.35 17.95 11.28
N PRO B 31 -2.76 17.25 12.27
CA PRO B 31 -3.58 16.40 13.13
C PRO B 31 -4.59 17.21 13.94
N LYS B 32 -4.25 18.45 14.29
CA LYS B 32 -5.18 19.27 15.05
C LYS B 32 -6.42 19.66 14.22
N VAL B 33 -6.25 19.93 12.92
CA VAL B 33 -7.33 20.43 12.11
C VAL B 33 -8.04 19.34 11.33
N LEU B 34 -7.39 18.18 11.17
CA LEU B 34 -8.09 16.98 10.67
C LEU B 34 -8.09 15.84 11.68
N PRO B 35 -8.63 16.08 12.89
CA PRO B 35 -8.47 15.18 14.00
C PRO B 35 -9.16 13.82 13.84
N HIS B 36 -10.09 13.68 12.89
CA HIS B 36 -10.74 12.41 12.64
C HIS B 36 -10.12 11.69 11.45
N ILE B 37 -9.02 12.20 10.91
CA ILE B 37 -8.43 11.58 9.74
C ILE B 37 -6.99 11.31 10.07
N VAL B 38 -6.26 12.34 10.50
CA VAL B 38 -4.80 12.21 10.68
C VAL B 38 -4.45 12.02 12.16
N LYS B 39 -3.76 10.90 12.47
CA LYS B 39 -3.30 10.61 13.80
C LYS B 39 -2.06 11.44 14.15
N ASP B 40 -1.05 11.42 13.29
CA ASP B 40 0.21 12.08 13.54
C ASP B 40 0.99 12.24 12.22
N VAL B 41 2.02 13.09 12.22
CA VAL B 41 2.84 13.29 11.06
C VAL B 41 4.32 13.04 11.45
N GLN B 42 4.93 12.04 10.82
CA GLN B 42 6.36 11.78 11.11
C GLN B 42 7.23 12.49 10.10
N LEU B 43 8.27 13.21 10.54
CA LEU B 43 9.24 13.79 9.59
C LEU B 43 10.37 12.79 9.52
N ILE B 44 10.52 12.18 8.33
CA ILE B 44 11.40 11.02 8.07
C ILE B 44 12.78 11.48 7.63
N GLU B 45 12.81 12.58 6.89
CA GLU B 45 14.05 12.96 6.19
C GLU B 45 13.96 14.42 5.79
N GLY B 46 15.10 15.09 5.70
CA GLY B 46 15.12 16.44 5.28
C GLY B 46 14.85 17.43 6.39
N ASP B 47 14.84 18.72 6.04
CA ASP B 47 14.84 19.83 7.00
C ASP B 47 13.66 20.83 6.88
N GLY B 48 12.53 20.40 6.33
CA GLY B 48 11.37 21.28 6.13
C GLY B 48 11.23 21.85 4.72
N GLY B 49 12.28 21.77 3.91
CA GLY B 49 12.19 22.26 2.53
C GLY B 49 12.09 21.16 1.51
N VAL B 50 12.46 21.46 0.26
CA VAL B 50 12.46 20.47 -0.82
C VAL B 50 13.24 19.25 -0.38
N GLY B 51 12.65 18.07 -0.57
CA GLY B 51 13.31 16.85 -0.18
C GLY B 51 12.87 16.31 1.17
N THR B 52 12.03 17.05 1.89
CA THR B 52 11.52 16.58 3.18
C THR B 52 10.56 15.45 2.88
N ILE B 53 10.66 14.36 3.65
CA ILE B 53 9.79 13.24 3.52
C ILE B 53 8.96 13.15 4.80
N LEU B 54 7.67 12.94 4.64
CA LEU B 54 6.71 12.91 5.73
C LEU B 54 5.88 11.66 5.66
N ILE B 55 5.53 11.12 6.82
CA ILE B 55 4.51 10.05 6.84
C ILE B 55 3.31 10.58 7.62
N PHE B 56 2.16 10.62 6.99
CA PHE B 56 0.92 10.94 7.66
C PHE B 56 0.29 9.62 8.05
N ASN B 57 0.23 9.33 9.37
CA ASN B 57 -0.49 8.15 9.85
C ASN B 57 -1.93 8.52 10.09
N PHE B 58 -2.82 7.69 9.56
CA PHE B 58 -4.25 8.00 9.69
C PHE B 58 -4.87 7.25 10.88
N LEU B 59 -6.08 7.63 11.27
CA LEU B 59 -6.79 6.96 12.37
C LEU B 59 -7.15 5.53 12.00
N PRO B 60 -7.27 4.66 13.01
CA PRO B 60 -7.44 3.25 12.69
C PRO B 60 -8.62 2.84 11.78
N GLU B 61 -9.71 3.62 11.73
CA GLU B 61 -10.82 3.31 10.82
C GLU B 61 -10.50 3.61 9.37
N VAL B 62 -9.37 4.24 9.10
CA VAL B 62 -9.05 4.70 7.76
C VAL B 62 -8.14 3.69 7.07
N SER B 63 -8.49 3.31 5.84
CA SER B 63 -7.66 2.39 5.02
C SER B 63 -7.53 2.87 3.55
N PRO B 64 -6.29 3.01 3.02
CA PRO B 64 -4.93 2.81 3.58
C PRO B 64 -4.73 3.61 4.85
N SER B 65 -3.87 3.13 5.73
CA SER B 65 -3.69 3.75 7.03
C SER B 65 -2.58 4.77 7.07
N TYR B 66 -1.88 5.03 5.96
CA TYR B 66 -0.89 6.12 5.97
C TYR B 66 -0.66 6.58 4.54
N GLN B 67 0.06 7.69 4.43
CA GLN B 67 0.48 8.13 3.12
C GLN B 67 1.86 8.77 3.32
N ARG B 68 2.81 8.42 2.48
CA ARG B 68 4.15 9.00 2.54
C ARG B 68 4.24 10.06 1.44
N GLU B 69 4.71 11.26 1.79
CA GLU B 69 4.68 12.39 0.85
C GLU B 69 6.04 13.07 0.91
N GLU B 70 6.49 13.67 -0.20
CA GLU B 70 7.76 14.38 -0.25
C GLU B 70 7.48 15.83 -0.66
N ILE B 71 8.08 16.80 0.01
CA ILE B 71 8.01 18.20 -0.49
C ILE B 71 8.93 18.31 -1.73
N THR B 72 8.31 18.52 -2.89
CA THR B 72 9.04 18.53 -4.16
C THR B 72 9.31 19.95 -4.65
N GLU B 73 8.49 20.90 -4.22
CA GLU B 73 8.87 22.28 -4.44
C GLU B 73 8.46 23.16 -3.28
N PHE B 74 9.23 24.23 -3.12
CA PHE B 74 9.07 25.11 -2.00
C PHE B 74 9.64 26.47 -2.40
N ASP B 75 8.78 27.49 -2.50
CA ASP B 75 9.26 28.80 -2.97
C ASP B 75 8.67 29.88 -2.07
N GLU B 76 9.48 30.35 -1.13
CA GLU B 76 9.08 31.41 -0.19
C GLU B 76 8.56 32.65 -0.87
N SER B 77 9.23 33.13 -1.90
CA SER B 77 8.86 34.42 -2.46
C SER B 77 7.53 34.35 -3.23
N SER B 78 7.23 33.23 -3.88
CA SER B 78 5.95 33.09 -4.55
C SER B 78 4.89 32.34 -3.73
N HIS B 79 5.27 31.90 -2.52
CA HIS B 79 4.34 31.21 -1.59
C HIS B 79 3.72 29.99 -2.26
N GLU B 80 4.64 29.14 -2.75
CA GLU B 80 4.25 27.93 -3.45
C GLU B 80 4.89 26.72 -2.75
N ILE B 81 4.09 25.70 -2.49
CA ILE B 81 4.62 24.47 -1.88
C ILE B 81 3.97 23.29 -2.58
N GLY B 82 4.81 22.37 -3.07
CA GLY B 82 4.30 21.17 -3.72
C GLY B 82 4.64 19.90 -2.96
N LEU B 83 3.67 18.99 -2.82
CA LEU B 83 3.88 17.71 -2.10
C LEU B 83 3.50 16.58 -3.04
N GLN B 84 4.40 15.63 -3.19
CA GLN B 84 4.13 14.46 -4.04
C GLN B 84 3.90 13.24 -3.19
N VAL B 85 2.86 12.45 -3.53
CA VAL B 85 2.62 11.20 -2.78
C VAL B 85 3.66 10.24 -3.36
N ILE B 86 4.46 9.65 -2.50
CA ILE B 86 5.48 8.73 -3.04
C ILE B 86 5.21 7.26 -2.69
N GLU B 87 4.40 7.02 -1.65
CA GLU B 87 4.02 5.65 -1.21
C GLU B 87 2.75 5.64 -0.38
N GLY B 88 1.97 4.56 -0.47
CA GLY B 88 0.76 4.42 0.33
C GLY B 88 -0.33 5.38 -0.14
N GLY B 89 -1.32 5.60 0.72
CA GLY B 89 -2.36 6.61 0.43
C GLY B 89 -3.01 6.37 -0.93
N TYR B 90 -3.14 7.43 -1.71
CA TYR B 90 -3.73 7.32 -3.04
C TYR B 90 -2.97 6.39 -3.98
N LEU B 91 -1.67 6.30 -3.79
CA LEU B 91 -0.86 5.36 -4.59
C LEU B 91 -1.10 3.89 -4.24
N SER B 92 -1.97 3.65 -3.26
CA SER B 92 -2.42 2.30 -2.89
C SER B 92 -3.92 2.15 -3.18
N GLN B 93 -4.47 3.14 -3.90
CA GLN B 93 -5.90 3.15 -4.29
C GLN B 93 -6.07 3.32 -5.81
N GLY B 94 -5.04 3.00 -6.59
CA GLY B 94 -5.19 2.90 -8.05
C GLY B 94 -4.58 4.13 -8.75
N LEU B 95 -4.13 5.12 -7.98
CA LEU B 95 -3.31 6.21 -8.62
C LEU B 95 -1.86 5.71 -8.85
N SER B 96 -1.26 6.05 -9.99
CA SER B 96 0.14 5.74 -10.24
C SER B 96 1.03 6.99 -10.01
N TYR B 97 0.40 8.16 -9.93
CA TYR B 97 1.13 9.43 -9.81
C TYR B 97 0.19 10.35 -9.08
N TYR B 98 0.68 11.09 -8.07
CA TYR B 98 -0.20 12.08 -7.41
C TYR B 98 0.65 13.20 -6.79
N LYS B 99 0.33 14.46 -7.07
CA LYS B 99 1.08 15.58 -6.51
C LYS B 99 0.11 16.71 -6.34
N THR B 100 0.24 17.44 -5.23
CA THR B 100 -0.60 18.58 -4.89
C THR B 100 0.32 19.79 -4.81
N THR B 101 -0.01 20.85 -5.57
CA THR B 101 0.70 22.12 -5.44
C THR B 101 -0.24 23.23 -4.96
N PHE B 102 0.14 23.91 -3.88
CA PHE B 102 -0.59 25.05 -3.33
C PHE B 102 0.19 26.33 -3.70
N LYS B 103 -0.51 27.36 -4.18
CA LYS B 103 0.13 28.66 -4.44
C LYS B 103 -0.75 29.74 -3.84
N LEU B 104 -0.17 30.62 -3.02
CA LEU B 104 -0.95 31.62 -2.26
C LEU B 104 -0.69 32.97 -2.85
N SER B 105 -1.73 33.79 -2.95
CA SER B 105 -1.54 35.19 -3.33
C SER B 105 -2.50 36.09 -2.57
N GLU B 106 -2.08 37.33 -2.34
CA GLU B 106 -2.87 38.24 -1.53
C GLU B 106 -3.96 38.84 -2.38
N ILE B 107 -5.22 38.74 -1.91
CA ILE B 107 -6.37 39.43 -2.54
C ILE B 107 -6.68 40.71 -1.80
N GLU B 108 -6.76 40.64 -0.48
CA GLU B 108 -6.77 41.85 0.33
C GLU B 108 -5.84 41.58 1.49
N GLU B 109 -5.64 42.58 2.36
CA GLU B 109 -4.86 42.35 3.57
C GLU B 109 -5.28 41.06 4.28
N ASP B 110 -6.60 40.86 4.37
CA ASP B 110 -7.20 39.76 5.10
C ASP B 110 -7.89 38.74 4.17
N LYS B 111 -7.48 38.68 2.92
CA LYS B 111 -8.01 37.65 2.03
C LYS B 111 -6.90 37.07 1.20
N THR B 112 -6.83 35.74 1.16
CA THR B 112 -5.76 35.05 0.45
C THR B 112 -6.41 34.03 -0.50
N LEU B 113 -6.05 34.13 -1.78
CA LEU B 113 -6.40 33.12 -2.74
C LEU B 113 -5.41 31.96 -2.68
N VAL B 114 -5.96 30.74 -2.64
CA VAL B 114 -5.15 29.54 -2.69
C VAL B 114 -5.52 28.84 -3.99
N ASN B 115 -4.56 28.77 -4.91
CA ASN B 115 -4.72 27.96 -6.10
C ASN B 115 -4.21 26.55 -5.77
N VAL B 116 -4.95 25.53 -6.21
CA VAL B 116 -4.58 24.12 -5.96
C VAL B 116 -4.46 23.44 -7.30
N LYS B 117 -3.27 22.95 -7.59
CA LYS B 117 -3.05 22.12 -8.79
C LYS B 117 -2.74 20.70 -8.38
N ILE B 118 -3.56 19.75 -8.86
CA ILE B 118 -3.35 18.32 -8.62
C ILE B 118 -2.91 17.74 -9.95
N SER B 119 -1.73 17.11 -9.98
CA SER B 119 -1.27 16.36 -11.13
C SER B 119 -1.37 14.89 -10.79
N TYR B 120 -1.94 14.08 -11.69
CA TYR B 120 -2.29 12.68 -11.31
C TYR B 120 -2.30 11.78 -12.52
N ASP B 121 -2.18 10.48 -12.28
CA ASP B 121 -2.48 9.48 -13.32
C ASP B 121 -2.96 8.23 -12.63
N HIS B 122 -3.74 7.43 -13.35
CA HIS B 122 -4.29 6.18 -12.80
C HIS B 122 -3.57 5.03 -13.45
N ASP B 123 -3.42 3.93 -12.71
CA ASP B 123 -2.80 2.75 -13.20
C ASP B 123 -3.89 1.93 -13.89
N SER B 124 -3.74 1.69 -15.19
CA SER B 124 -4.82 1.03 -15.92
C SER B 124 -5.02 -0.41 -15.48
N ASP B 125 -4.09 -0.97 -14.71
CA ASP B 125 -4.24 -2.39 -14.31
C ASP B 125 -4.92 -2.57 -12.97
N ILE B 126 -5.12 -1.46 -12.27
CA ILE B 126 -5.79 -1.48 -10.96
C ILE B 126 -7.27 -1.08 -11.10
N GLU B 127 -8.14 -1.86 -10.48
CA GLU B 127 -9.57 -1.69 -10.69
C GLU B 127 -10.13 -0.44 -9.99
N GLU B 128 -9.69 -0.22 -8.77
CA GLU B 128 -10.16 0.90 -7.94
C GLU B 128 -9.81 2.22 -8.62
N LYS B 129 -10.75 3.18 -8.58
CA LYS B 129 -10.68 4.42 -9.35
C LYS B 129 -11.05 5.58 -8.44
N VAL B 130 -10.03 6.22 -7.86
CA VAL B 130 -10.28 7.36 -6.95
C VAL B 130 -10.12 8.61 -7.82
N THR B 131 -11.19 9.42 -7.90
CA THR B 131 -11.18 10.53 -8.87
C THR B 131 -10.54 11.76 -8.26
N PRO B 132 -9.99 12.66 -9.10
CA PRO B 132 -9.53 13.97 -8.57
C PRO B 132 -10.64 14.88 -8.05
N THR B 133 -11.87 14.70 -8.53
CA THR B 133 -13.00 15.36 -7.88
C THR B 133 -13.06 15.00 -6.39
N LYS B 134 -12.95 13.71 -6.10
CA LYS B 134 -13.01 13.25 -4.72
C LYS B 134 -11.81 13.77 -3.92
N THR B 135 -10.62 13.62 -4.48
CA THR B 135 -9.40 13.97 -3.75
C THR B 135 -9.32 15.46 -3.58
N SER B 136 -9.68 16.25 -4.60
CA SER B 136 -9.69 17.71 -4.43
C SER B 136 -10.63 18.15 -3.30
N GLN B 137 -11.75 17.45 -3.12
CA GLN B 137 -12.66 17.80 -2.03
C GLN B 137 -12.03 17.67 -0.66
N SER B 138 -11.19 16.64 -0.50
CA SER B 138 -10.42 16.48 0.77
C SER B 138 -9.38 17.61 0.94
N THR B 139 -8.75 18.01 -0.16
CA THR B 139 -7.77 19.11 -0.07
C THR B 139 -8.48 20.44 0.24
N LEU B 140 -9.59 20.68 -0.41
CA LEU B 140 -10.38 21.89 -0.08
C LEU B 140 -10.82 21.89 1.36
N MET B 141 -11.14 20.71 1.88
CA MET B 141 -11.61 20.62 3.29
C MET B 141 -10.48 20.99 4.21
N TYR B 142 -9.27 20.51 3.91
CA TYR B 142 -8.07 20.90 4.69
C TYR B 142 -7.87 22.44 4.69
N LEU B 143 -7.91 23.06 3.52
CA LEU B 143 -7.80 24.53 3.45
C LEU B 143 -8.90 25.27 4.26
N ARG B 144 -10.14 24.78 4.20
CA ARG B 144 -11.21 25.41 5.00
C ARG B 144 -10.92 25.28 6.49
N ARG B 145 -10.39 24.12 6.87
CA ARG B 145 -10.04 23.90 8.27
C ARG B 145 -8.89 24.82 8.73
N LEU B 146 -7.92 25.11 7.87
CA LEU B 146 -6.85 26.09 8.17
C LEU B 146 -7.45 27.49 8.30
N GLU B 147 -8.40 27.82 7.42
CA GLU B 147 -9.13 29.08 7.57
C GLU B 147 -9.80 29.22 8.94
N ARG B 148 -10.52 28.18 9.36
CA ARG B 148 -11.20 28.28 10.63
C ARG B 148 -10.23 28.32 11.82
N TYR B 149 -9.19 27.49 11.75
CA TYR B 149 -8.15 27.45 12.77
C TYR B 149 -7.50 28.83 12.92
N LEU B 150 -7.28 29.55 11.82
CA LEU B 150 -6.62 30.84 11.91
C LEU B 150 -7.59 32.01 12.21
N SER B 151 -8.89 31.73 12.13
CA SER B 151 -9.95 32.72 12.43
C SER B 151 -10.62 32.40 13.77
N MET C 1 16.40 -5.17 10.09
CA MET C 1 16.62 -5.92 8.80
C MET C 1 15.56 -7.03 8.53
N VAL C 2 15.75 -7.79 7.44
CA VAL C 2 14.87 -8.90 7.08
C VAL C 2 14.83 -9.94 8.21
N LYS C 3 13.60 -10.29 8.62
CA LYS C 3 13.33 -11.29 9.61
C LYS C 3 12.64 -12.46 8.91
N GLU C 4 12.64 -13.63 9.54
CA GLU C 4 11.99 -14.77 8.91
C GLU C 4 10.99 -15.42 9.85
N PHE C 5 9.82 -15.79 9.30
CA PHE C 5 8.81 -16.54 10.03
C PHE C 5 8.58 -17.86 9.25
N ASN C 6 8.56 -19.01 9.93
CA ASN C 6 8.44 -20.30 9.25
C ASN C 6 7.27 -21.08 9.81
N THR C 7 6.48 -21.62 8.91
CA THR C 7 5.42 -22.53 9.25
C THR C 7 5.23 -23.57 8.10
N GLN C 8 4.18 -24.38 8.16
CA GLN C 8 3.95 -25.40 7.14
C GLN C 8 2.55 -25.94 7.27
N THR C 9 2.16 -26.73 6.27
CA THR C 9 0.95 -27.51 6.34
C THR C 9 1.11 -28.75 5.45
N GLU C 10 0.40 -29.80 5.78
CA GLU C 10 0.44 -31.02 4.98
C GLU C 10 -0.90 -31.09 4.26
N LEU C 11 -0.86 -31.15 2.93
CA LEU C 11 -2.10 -31.20 2.15
C LEU C 11 -2.25 -32.55 1.51
N SER C 12 -3.48 -33.05 1.49
CA SER C 12 -3.72 -34.37 0.95
C SER C 12 -3.94 -34.39 -0.56
N VAL C 13 -2.99 -33.84 -1.29
CA VAL C 13 -2.99 -33.82 -2.75
C VAL C 13 -1.61 -34.19 -3.28
N ARG C 14 -1.58 -34.70 -4.51
CA ARG C 14 -0.32 -35.13 -5.15
C ARG C 14 0.57 -33.92 -5.38
N LEU C 15 1.86 -34.07 -5.15
CA LEU C 15 2.78 -32.94 -5.24
C LEU C 15 2.69 -32.25 -6.60
N GLU C 16 2.68 -33.03 -7.68
CA GLU C 16 2.68 -32.43 -9.01
C GLU C 16 1.44 -31.54 -9.27
N ALA C 17 0.29 -31.94 -8.75
CA ALA C 17 -0.93 -31.13 -8.92
C ALA C 17 -0.86 -29.83 -8.12
N LEU C 18 -0.27 -29.90 -6.94
CA LEU C 18 -0.16 -28.73 -6.12
C LEU C 18 0.88 -27.80 -6.70
N TRP C 19 1.97 -28.36 -7.21
CA TRP C 19 2.99 -27.57 -7.96
C TRP C 19 2.41 -26.83 -9.18
N ALA C 20 1.59 -27.54 -9.95
CA ALA C 20 0.91 -26.93 -11.10
C ALA C 20 0.16 -25.68 -10.65
N VAL C 21 -0.62 -25.79 -9.57
CA VAL C 21 -1.43 -24.64 -9.18
C VAL C 21 -0.58 -23.50 -8.57
N LEU C 22 0.34 -23.83 -7.67
CA LEU C 22 1.10 -22.79 -6.98
C LEU C 22 2.08 -22.12 -7.85
N SER C 23 2.60 -22.84 -8.82
CA SER C 23 3.63 -22.29 -9.69
C SER C 23 3.06 -21.55 -10.88
N LYS C 24 1.84 -21.91 -11.31
CA LYS C 24 1.38 -21.55 -12.63
C LYS C 24 -0.14 -21.25 -12.70
N ASP C 25 -1.00 -22.22 -12.36
CA ASP C 25 -2.43 -22.09 -12.61
C ASP C 25 -3.16 -21.10 -11.72
N PHE C 26 -2.54 -20.68 -10.63
CA PHE C 26 -3.15 -19.74 -9.71
C PHE C 26 -3.68 -18.48 -10.38
N ILE C 27 -3.07 -18.09 -11.49
CA ILE C 27 -3.48 -16.84 -12.17
C ILE C 27 -4.93 -16.95 -12.59
N THR C 28 -5.24 -18.12 -13.14
CA THR C 28 -6.59 -18.44 -13.45
C THR C 28 -7.39 -18.92 -12.25
N VAL C 29 -6.80 -19.76 -11.37
CA VAL C 29 -7.50 -20.43 -10.27
C VAL C 29 -7.85 -19.61 -9.00
N VAL C 30 -7.02 -18.62 -8.64
CA VAL C 30 -7.21 -17.95 -7.35
C VAL C 30 -8.61 -17.29 -7.21
N PRO C 31 -9.07 -16.57 -8.25
CA PRO C 31 -10.42 -15.97 -8.14
C PRO C 31 -11.54 -17.01 -8.02
N LYS C 32 -11.28 -18.24 -8.44
CA LYS C 32 -12.28 -19.29 -8.33
C LYS C 32 -12.32 -19.92 -6.92
N VAL C 33 -11.16 -19.95 -6.26
CA VAL C 33 -10.98 -20.47 -4.85
C VAL C 33 -11.40 -19.43 -3.81
N LEU C 34 -11.17 -18.15 -4.13
CA LEU C 34 -11.38 -17.06 -3.16
C LEU C 34 -12.27 -16.01 -3.78
N PRO C 35 -13.48 -16.40 -4.24
CA PRO C 35 -14.34 -15.43 -4.94
C PRO C 35 -14.91 -14.34 -4.05
N HIS C 36 -14.83 -14.51 -2.74
CA HIS C 36 -15.22 -13.42 -1.81
C HIS C 36 -14.07 -12.37 -1.62
N ILE C 37 -12.87 -12.63 -2.12
CA ILE C 37 -11.71 -11.73 -1.89
C ILE C 37 -11.09 -11.23 -3.21
N VAL C 38 -10.78 -12.17 -4.12
CA VAL C 38 -9.99 -11.84 -5.32
C VAL C 38 -10.93 -11.75 -6.50
N LYS C 39 -11.02 -10.55 -7.04
CA LYS C 39 -11.74 -10.32 -8.30
C LYS C 39 -11.05 -10.88 -9.55
N ASP C 40 -9.76 -10.58 -9.70
CA ASP C 40 -8.99 -11.08 -10.82
C ASP C 40 -7.50 -10.95 -10.55
N VAL C 41 -6.73 -11.65 -11.39
CA VAL C 41 -5.26 -11.72 -11.29
C VAL C 41 -4.77 -11.49 -12.71
N GLN C 42 -3.82 -10.58 -12.87
CA GLN C 42 -3.31 -10.28 -14.20
C GLN C 42 -1.81 -10.36 -14.19
N LEU C 43 -1.27 -10.97 -15.23
CA LEU C 43 0.15 -11.00 -15.39
C LEU C 43 0.50 -9.72 -16.20
N ILE C 44 1.34 -8.86 -15.61
CA ILE C 44 1.66 -7.50 -16.12
C ILE C 44 2.97 -7.48 -16.90
N GLU C 45 3.94 -8.26 -16.43
CA GLU C 45 5.30 -8.28 -17.02
C GLU C 45 5.81 -9.70 -16.87
N GLY C 46 6.62 -10.14 -17.84
CA GLY C 46 7.43 -11.34 -17.70
C GLY C 46 6.77 -12.59 -18.26
N ASP C 47 7.44 -13.73 -18.10
CA ASP C 47 7.15 -14.95 -18.86
C ASP C 47 6.61 -16.10 -18.00
N GLY C 48 6.24 -15.78 -16.75
CA GLY C 48 5.71 -16.78 -15.82
C GLY C 48 6.77 -17.21 -14.82
N GLY C 49 8.04 -16.97 -15.11
CA GLY C 49 9.05 -17.40 -14.19
C GLY C 49 9.52 -16.25 -13.36
N VAL C 50 10.78 -16.34 -12.91
CA VAL C 50 11.34 -15.29 -12.04
C VAL C 50 11.25 -13.95 -12.80
N GLY C 51 10.87 -12.90 -12.05
CA GLY C 51 10.76 -11.55 -12.59
C GLY C 51 9.37 -11.21 -13.02
N THR C 52 8.48 -12.22 -13.04
CA THR C 52 7.08 -12.00 -13.47
C THR C 52 6.36 -11.05 -12.49
N ILE C 53 5.63 -10.06 -13.02
CA ILE C 53 4.81 -9.12 -12.21
C ILE C 53 3.34 -9.47 -12.38
N LEU C 54 2.67 -9.60 -11.22
CA LEU C 54 1.25 -9.95 -11.12
C LEU C 54 0.53 -8.84 -10.35
N ILE C 55 -0.70 -8.51 -10.75
CA ILE C 55 -1.55 -7.71 -9.90
C ILE C 55 -2.80 -8.55 -9.60
N PHE C 56 -3.10 -8.60 -8.32
CA PHE C 56 -4.31 -9.19 -7.72
C PHE C 56 -5.24 -8.02 -7.40
N ASN C 57 -6.39 -7.98 -8.04
CA ASN C 57 -7.38 -6.99 -7.64
C ASN C 57 -8.40 -7.66 -6.74
N PHE C 58 -8.70 -7.03 -5.62
CA PHE C 58 -9.66 -7.58 -4.69
C PHE C 58 -11.06 -7.01 -4.88
N LEU C 59 -12.05 -7.62 -4.26
CA LEU C 59 -13.39 -7.09 -4.42
C LEU C 59 -13.48 -5.67 -3.82
N PRO C 60 -14.41 -4.83 -4.33
CA PRO C 60 -14.62 -3.49 -3.75
C PRO C 60 -14.82 -3.46 -2.22
N GLU C 61 -15.33 -4.54 -1.63
CA GLU C 61 -15.44 -4.61 -0.14
C GLU C 61 -14.09 -4.66 0.59
N VAL C 62 -13.02 -4.89 -0.15
CA VAL C 62 -11.72 -5.17 0.45
C VAL C 62 -10.78 -3.97 0.33
N SER C 63 -10.15 -3.60 1.45
CA SER C 63 -9.15 -2.52 1.44
C SER C 63 -7.91 -2.93 2.23
N PRO C 64 -6.69 -2.72 1.68
CA PRO C 64 -6.26 -2.27 0.32
C PRO C 64 -6.92 -3.10 -0.75
N SER C 65 -7.22 -2.51 -1.90
CA SER C 65 -8.03 -3.20 -2.87
C SER C 65 -7.18 -4.01 -3.88
N TYR C 66 -5.86 -3.94 -3.79
CA TYR C 66 -5.02 -4.73 -4.71
C TYR C 66 -3.67 -5.01 -4.06
N GLN C 67 -2.91 -5.91 -4.68
CA GLN C 67 -1.47 -5.95 -4.37
C GLN C 67 -0.74 -6.34 -5.60
N ARG C 68 0.44 -5.77 -5.76
CA ARG C 68 1.27 -6.12 -6.89
C ARG C 68 2.35 -7.05 -6.33
N GLU C 69 2.71 -8.07 -7.11
CA GLU C 69 3.69 -9.07 -6.66
C GLU C 69 4.69 -9.36 -7.73
N GLU C 70 5.88 -9.83 -7.32
CA GLU C 70 6.91 -10.30 -8.23
C GLU C 70 7.24 -11.77 -7.89
N ILE C 71 7.34 -12.61 -8.91
CA ILE C 71 7.92 -13.96 -8.70
C ILE C 71 9.41 -13.83 -8.52
N THR C 72 9.90 -14.20 -7.34
CA THR C 72 11.30 -13.94 -7.02
C THR C 72 12.08 -15.23 -7.01
N GLU C 73 11.38 -16.38 -6.91
CA GLU C 73 12.06 -17.68 -6.90
C GLU C 73 11.24 -18.69 -7.64
N PHE C 74 11.92 -19.56 -8.39
CA PHE C 74 11.18 -20.56 -9.16
C PHE C 74 12.12 -21.74 -9.38
N ASP C 75 12.00 -22.79 -8.56
CA ASP C 75 12.91 -23.92 -8.67
C ASP C 75 12.11 -25.16 -8.87
N GLU C 76 12.02 -25.63 -10.11
CA GLU C 76 11.26 -26.84 -10.39
C GLU C 76 11.91 -28.11 -9.78
N SER C 77 13.17 -28.03 -9.40
CA SER C 77 13.87 -29.19 -8.79
C SER C 77 13.49 -29.42 -7.35
N SER C 78 13.45 -28.36 -6.57
CA SER C 78 13.10 -28.49 -5.19
C SER C 78 11.64 -28.12 -4.97
N HIS C 79 10.94 -27.75 -6.05
CA HIS C 79 9.55 -27.33 -5.98
C HIS C 79 9.42 -26.18 -5.01
N GLU C 80 10.16 -25.12 -5.33
CA GLU C 80 10.09 -23.88 -4.54
C GLU C 80 9.61 -22.75 -5.41
N ILE C 81 8.63 -22.01 -4.89
CA ILE C 81 8.22 -20.78 -5.61
C ILE C 81 8.16 -19.65 -4.58
N GLY C 82 8.71 -18.50 -4.95
CA GLY C 82 8.73 -17.34 -4.07
C GLY C 82 8.06 -16.15 -4.71
N LEU C 83 7.24 -15.46 -3.92
CA LEU C 83 6.44 -14.32 -4.40
C LEU C 83 6.68 -13.20 -3.41
N GLN C 84 7.10 -12.04 -3.91
CA GLN C 84 7.30 -10.89 -3.06
C GLN C 84 6.17 -9.89 -3.30
N VAL C 85 5.59 -9.34 -2.23
CA VAL C 85 4.63 -8.24 -2.34
C VAL C 85 5.43 -6.98 -2.54
N ILE C 86 5.21 -6.31 -3.68
CA ILE C 86 6.03 -5.15 -4.02
C ILE C 86 5.26 -3.80 -3.98
N GLU C 87 3.93 -3.86 -3.90
CA GLU C 87 3.11 -2.63 -3.83
C GLU C 87 1.74 -2.99 -3.35
N GLY C 88 1.16 -2.11 -2.53
CA GLY C 88 -0.19 -2.33 -2.01
C GLY C 88 -0.19 -3.54 -1.07
N GLY C 89 -1.33 -4.16 -0.86
CA GLY C 89 -1.49 -5.20 0.14
C GLY C 89 -0.79 -4.89 1.45
N TYR C 90 -0.06 -5.87 1.96
CA TYR C 90 0.69 -5.69 3.22
C TYR C 90 1.67 -4.54 3.21
N LEU C 91 2.19 -4.25 2.04
CA LEU C 91 3.16 -3.17 1.88
C LEU C 91 2.49 -1.79 1.93
N SER C 92 1.17 -1.77 2.16
CA SER C 92 0.50 -0.52 2.48
C SER C 92 -0.10 -0.61 3.86
N GLN C 93 0.30 -1.62 4.62
CA GLN C 93 -0.22 -1.83 5.96
C GLN C 93 0.92 -1.82 7.00
N GLY C 94 2.08 -1.27 6.63
CA GLY C 94 3.18 -1.12 7.60
C GLY C 94 4.40 -2.01 7.38
N LEU C 95 4.29 -2.99 6.50
CA LEU C 95 5.47 -3.76 6.13
C LEU C 95 6.26 -2.96 5.12
N SER C 96 7.60 -2.98 5.24
CA SER C 96 8.49 -2.47 4.19
C SER C 96 8.98 -3.56 3.22
N TYR C 97 8.87 -4.81 3.64
CA TYR C 97 9.32 -5.94 2.84
C TYR C 97 8.46 -7.13 3.25
N TYR C 98 8.03 -7.86 2.25
CA TYR C 98 7.24 -9.07 2.48
C TYR C 98 7.38 -10.05 1.33
N LYS C 99 7.83 -11.27 1.64
CA LYS C 99 8.01 -12.29 0.60
C LYS C 99 7.67 -13.66 1.19
N THR C 100 7.05 -14.51 0.38
CA THR C 100 6.69 -15.84 0.89
C THR C 100 7.30 -16.84 -0.07
N THR C 101 8.03 -17.84 0.46
CA THR C 101 8.56 -18.90 -0.37
C THR C 101 7.81 -20.19 0.06
N PHE C 102 7.23 -20.89 -0.90
CA PHE C 102 6.56 -22.14 -0.66
C PHE C 102 7.51 -23.23 -1.14
N LYS C 103 7.71 -24.29 -0.34
CA LYS C 103 8.56 -25.38 -0.75
C LYS C 103 7.74 -26.65 -0.65
N LEU C 104 7.64 -27.41 -1.74
CA LEU C 104 6.82 -28.67 -1.70
C LEU C 104 7.70 -29.91 -1.58
N SER C 105 7.27 -30.85 -0.73
CA SER C 105 7.98 -32.14 -0.60
C SER C 105 6.98 -33.29 -0.51
N GLU C 106 7.22 -34.35 -1.26
CA GLU C 106 6.35 -35.52 -1.19
C GLU C 106 6.44 -36.20 0.17
N ILE C 107 5.31 -36.46 0.81
CA ILE C 107 5.28 -37.22 2.08
CA ILE C 107 5.41 -37.25 2.01
C ILE C 107 4.79 -38.64 1.79
N GLU C 108 3.74 -38.72 0.97
CA GLU C 108 3.19 -39.97 0.46
C GLU C 108 2.75 -39.68 -0.96
N GLU C 109 2.36 -40.71 -1.69
CA GLU C 109 1.83 -40.59 -3.05
C GLU C 109 0.89 -39.38 -3.19
N ASP C 110 -0.01 -39.26 -2.23
CA ASP C 110 -1.14 -38.36 -2.28
C ASP C 110 -1.11 -37.41 -1.09
N LYS C 111 0.08 -37.18 -0.53
CA LYS C 111 0.19 -36.21 0.57
C LYS C 111 1.44 -35.35 0.34
N THR C 112 1.29 -34.04 0.45
CA THR C 112 2.41 -33.14 0.16
C THR C 112 2.65 -32.16 1.31
N LEU C 113 3.90 -32.08 1.76
CA LEU C 113 4.28 -31.08 2.78
C LEU C 113 4.57 -29.79 2.04
N VAL C 114 3.99 -28.70 2.53
CA VAL C 114 4.28 -27.36 2.06
C VAL C 114 4.93 -26.59 3.21
N ASN C 115 6.23 -26.33 3.10
CA ASN C 115 6.89 -25.42 4.05
C ASN C 115 6.67 -23.98 3.60
N VAL C 116 6.34 -23.10 4.55
CA VAL C 116 6.02 -21.71 4.18
C VAL C 116 7.02 -20.80 4.89
N LYS C 117 7.86 -20.11 4.12
CA LYS C 117 8.95 -19.28 4.70
C LYS C 117 8.59 -17.86 4.37
N ILE C 118 8.33 -17.03 5.38
CA ILE C 118 7.94 -15.61 5.13
C ILE C 118 9.12 -14.75 5.57
N SER C 119 9.61 -13.91 4.67
CA SER C 119 10.73 -13.00 4.93
C SER C 119 10.10 -11.63 4.97
N TYR C 120 10.39 -10.83 6.00
CA TYR C 120 9.68 -9.58 6.17
C TYR C 120 10.47 -8.52 6.99
N ASP C 121 9.99 -7.27 6.93
CA ASP C 121 10.52 -6.23 7.79
C ASP C 121 9.43 -5.20 7.89
N HIS C 122 9.42 -4.46 8.99
CA HIS C 122 8.43 -3.40 9.18
C HIS C 122 9.09 -2.03 9.07
N ASP C 123 8.27 -1.05 8.70
CA ASP C 123 8.71 0.32 8.66
C ASP C 123 8.33 0.89 10.01
N SER C 124 9.33 1.22 10.80
CA SER C 124 9.07 1.68 12.16
C SER C 124 8.32 3.04 12.24
N ASP C 125 8.35 3.86 11.18
CA ASP C 125 7.62 5.14 11.20
C ASP C 125 6.12 5.00 10.94
N ILE C 126 5.69 3.83 10.49
CA ILE C 126 4.28 3.61 10.21
C ILE C 126 3.61 3.04 11.45
N GLU C 127 2.43 3.53 11.81
CA GLU C 127 1.77 3.06 13.04
C GLU C 127 1.22 1.63 12.94
N GLU C 128 0.44 1.38 11.90
CA GLU C 128 -0.11 0.04 11.66
C GLU C 128 1.04 -0.96 11.56
N LYS C 129 0.84 -2.13 12.15
CA LYS C 129 1.85 -3.18 12.11
C LYS C 129 1.24 -4.59 12.06
N VAL C 130 1.00 -5.08 10.86
CA VAL C 130 0.46 -6.45 10.71
C VAL C 130 1.58 -7.45 10.98
N THR C 131 1.31 -8.51 11.77
CA THR C 131 2.35 -9.45 12.18
C THR C 131 2.36 -10.66 11.21
N PRO C 132 3.53 -11.34 11.07
CA PRO C 132 3.58 -12.56 10.22
C PRO C 132 2.71 -13.67 10.82
N THR C 133 2.36 -13.59 12.12
CA THR C 133 1.39 -14.56 12.67
C THR C 133 0.03 -14.41 11.97
N LYS C 134 -0.42 -13.18 11.86
CA LYS C 134 -1.68 -12.90 11.16
C LYS C 134 -1.56 -13.14 9.64
N THR C 135 -0.48 -12.67 9.03
CA THR C 135 -0.34 -12.92 7.58
C THR C 135 -0.22 -14.41 7.22
N SER C 136 0.55 -15.16 8.01
CA SER C 136 0.75 -16.56 7.71
C SER C 136 -0.61 -17.28 7.79
N GLN C 137 -1.49 -16.80 8.67
CA GLN C 137 -2.83 -17.45 8.78
C GLN C 137 -3.67 -17.25 7.50
N SER C 138 -3.47 -16.12 6.83
CA SER C 138 -4.18 -15.93 5.58
C SER C 138 -3.59 -16.88 4.52
N THR C 139 -2.28 -16.99 4.49
CA THR C 139 -1.65 -17.93 3.53
C THR C 139 -2.08 -19.39 3.82
N LEU C 140 -2.13 -19.79 5.09
CA LEU C 140 -2.52 -21.15 5.40
C LEU C 140 -4.00 -21.41 5.05
N MET C 141 -4.84 -20.40 5.27
CA MET C 141 -6.26 -20.47 4.83
C MET C 141 -6.35 -20.80 3.32
N TYR C 142 -5.60 -20.05 2.54
CA TYR C 142 -5.56 -20.24 1.11
C TYR C 142 -5.11 -21.66 0.76
N LEU C 143 -4.02 -22.12 1.36
CA LEU C 143 -3.58 -23.48 1.09
C LEU C 143 -4.61 -24.56 1.40
N ARG C 144 -5.32 -24.42 2.54
CA ARG C 144 -6.40 -25.35 2.91
C ARG C 144 -7.60 -25.27 1.95
N ARG C 145 -7.94 -24.08 1.49
CA ARG C 145 -8.98 -23.98 0.46
C ARG C 145 -8.57 -24.70 -0.83
N LEU C 146 -7.33 -24.50 -1.19
CA LEU C 146 -6.75 -25.11 -2.41
C LEU C 146 -6.73 -26.61 -2.32
N GLU C 147 -6.35 -27.13 -1.15
CA GLU C 147 -6.39 -28.58 -0.92
C GLU C 147 -7.77 -29.11 -1.24
N ARG C 148 -8.79 -28.43 -0.75
CA ARG C 148 -10.15 -28.93 -0.96
C ARG C 148 -10.52 -28.75 -2.42
N TYR C 149 -10.08 -27.64 -3.03
CA TYR C 149 -10.43 -27.41 -4.46
C TYR C 149 -9.86 -28.51 -5.37
N LEU C 150 -8.64 -28.97 -5.06
CA LEU C 150 -8.00 -30.00 -5.86
C LEU C 150 -8.38 -31.43 -5.50
N SER C 151 -8.97 -31.65 -4.34
CA SER C 151 -9.29 -33.03 -3.90
C SER C 151 -10.54 -33.52 -4.61
N MET D 1 -2.88 -41.10 -45.16
CA MET D 1 -4.33 -41.00 -45.41
C MET D 1 -4.89 -39.97 -44.42
N VAL D 2 -4.03 -39.04 -43.99
CA VAL D 2 -4.42 -37.99 -43.00
C VAL D 2 -5.44 -37.03 -43.57
N LYS D 3 -6.55 -36.92 -42.87
CA LYS D 3 -7.61 -36.04 -43.25
C LYS D 3 -7.69 -34.91 -42.23
N GLU D 4 -8.38 -33.84 -42.59
CA GLU D 4 -8.55 -32.74 -41.66
C GLU D 4 -10.03 -32.51 -41.49
N PHE D 5 -10.43 -32.25 -40.27
CA PHE D 5 -11.77 -31.80 -39.95
C PHE D 5 -11.63 -30.41 -39.32
N ASN D 6 -12.39 -29.44 -39.81
CA ASN D 6 -12.28 -28.07 -39.27
C ASN D 6 -13.59 -27.50 -38.82
N THR D 7 -13.59 -26.91 -37.62
CA THR D 7 -14.78 -26.25 -37.08
C THR D 7 -14.36 -25.06 -36.20
N GLN D 8 -15.29 -24.44 -35.49
CA GLN D 8 -14.98 -23.27 -34.67
C GLN D 8 -16.12 -23.01 -33.71
N THR D 9 -15.86 -22.13 -32.74
CA THR D 9 -16.92 -21.60 -31.91
C THR D 9 -16.45 -20.24 -31.46
N GLU D 10 -17.40 -19.36 -31.14
CA GLU D 10 -17.10 -18.04 -30.62
C GLU D 10 -17.51 -18.02 -29.16
N LEU D 11 -16.59 -17.57 -28.31
CA LEU D 11 -16.80 -17.59 -26.87
C LEU D 11 -16.82 -16.16 -26.38
N SER D 12 -17.74 -15.89 -25.46
CA SER D 12 -17.89 -14.57 -24.84
C SER D 12 -16.89 -14.35 -23.68
N VAL D 13 -15.61 -14.51 -23.98
CA VAL D 13 -14.49 -14.27 -23.06
C VAL D 13 -13.39 -13.46 -23.79
N ARG D 14 -12.60 -12.69 -23.04
CA ARG D 14 -11.51 -11.94 -23.64
C ARG D 14 -10.41 -12.90 -24.04
N LEU D 15 -9.70 -12.56 -25.11
CA LEU D 15 -8.73 -13.49 -25.68
C LEU D 15 -7.67 -13.90 -24.64
N GLU D 16 -7.15 -12.92 -23.90
CA GLU D 16 -6.00 -13.19 -23.03
C GLU D 16 -6.34 -14.13 -21.90
N ALA D 17 -7.58 -14.04 -21.38
CA ALA D 17 -8.03 -14.91 -20.31
C ALA D 17 -8.20 -16.36 -20.79
N LEU D 18 -8.71 -16.48 -22.02
CA LEU D 18 -8.97 -17.80 -22.65
C LEU D 18 -7.63 -18.44 -23.04
N TRP D 19 -6.76 -17.64 -23.67
CA TRP D 19 -5.42 -18.13 -24.05
C TRP D 19 -4.64 -18.61 -22.83
N ALA D 20 -4.74 -17.88 -21.74
CA ALA D 20 -4.00 -18.25 -20.53
C ALA D 20 -4.40 -19.65 -20.10
N VAL D 21 -5.71 -19.92 -20.04
CA VAL D 21 -6.22 -21.17 -19.53
C VAL D 21 -5.97 -22.29 -20.53
N LEU D 22 -6.25 -21.99 -21.79
CA LEU D 22 -6.06 -22.99 -22.83
C LEU D 22 -4.63 -23.38 -23.07
N SER D 23 -3.70 -22.41 -23.04
CA SER D 23 -2.34 -22.72 -23.41
C SER D 23 -1.45 -23.05 -22.25
N LYS D 24 -1.84 -22.71 -21.01
CA LYS D 24 -0.91 -22.71 -19.89
C LYS D 24 -1.44 -23.26 -18.58
N ASP D 25 -2.66 -22.89 -18.20
CA ASP D 25 -3.21 -23.18 -16.88
C ASP D 25 -4.10 -24.43 -16.82
N PHE D 26 -4.02 -25.23 -17.86
CA PHE D 26 -5.00 -26.31 -18.01
C PHE D 26 -4.81 -27.50 -17.03
N ILE D 27 -3.63 -27.66 -16.40
CA ILE D 27 -3.48 -28.85 -15.56
C ILE D 27 -4.55 -28.87 -14.44
N THR D 28 -4.75 -27.73 -13.78
CA THR D 28 -5.71 -27.69 -12.67
C THR D 28 -7.12 -27.58 -13.23
N VAL D 29 -7.24 -26.86 -14.33
CA VAL D 29 -8.59 -26.45 -14.78
C VAL D 29 -9.34 -27.57 -15.49
N VAL D 30 -8.64 -28.34 -16.30
CA VAL D 30 -9.32 -29.36 -17.13
C VAL D 30 -10.20 -30.29 -16.27
N PRO D 31 -9.65 -30.84 -15.15
CA PRO D 31 -10.51 -31.67 -14.23
C PRO D 31 -11.71 -30.92 -13.63
N LYS D 32 -11.58 -29.60 -13.45
CA LYS D 32 -12.68 -28.76 -12.90
C LYS D 32 -13.78 -28.50 -13.93
N VAL D 33 -13.41 -28.38 -15.19
CA VAL D 33 -14.41 -28.10 -16.26
C VAL D 33 -14.98 -29.36 -16.89
N LEU D 34 -14.25 -30.48 -16.80
CA LEU D 34 -14.72 -31.80 -17.25
C LEU D 34 -14.81 -32.82 -16.09
N PRO D 35 -15.60 -32.50 -15.05
CA PRO D 35 -15.57 -33.34 -13.85
C PRO D 35 -16.09 -34.76 -13.99
N HIS D 36 -16.86 -35.01 -15.04
CA HIS D 36 -17.37 -36.36 -15.29
C HIS D 36 -16.54 -37.15 -16.29
N ILE D 37 -15.48 -36.52 -16.80
CA ILE D 37 -14.59 -37.14 -17.76
C ILE D 37 -13.13 -37.27 -17.26
N VAL D 38 -12.51 -36.18 -16.84
CA VAL D 38 -11.09 -36.21 -16.53
C VAL D 38 -10.86 -36.23 -15.03
N LYS D 39 -10.14 -37.25 -14.56
CA LYS D 39 -9.78 -37.38 -13.14
C LYS D 39 -8.68 -36.40 -12.78
N ASP D 40 -7.58 -36.42 -13.55
CA ASP D 40 -6.42 -35.57 -13.32
C ASP D 40 -5.58 -35.50 -14.61
N VAL D 41 -4.67 -34.53 -14.64
CA VAL D 41 -3.78 -34.32 -15.78
C VAL D 41 -2.38 -34.27 -15.18
N GLN D 42 -1.46 -35.04 -15.75
CA GLN D 42 -0.09 -35.16 -15.25
C GLN D 42 0.90 -34.68 -16.30
N LEU D 43 1.73 -33.69 -15.98
CA LEU D 43 2.77 -33.22 -16.90
C LEU D 43 4.00 -34.09 -16.73
N ILE D 44 4.46 -34.70 -17.82
CA ILE D 44 5.50 -35.75 -17.79
C ILE D 44 6.81 -35.21 -18.24
N GLU D 45 6.77 -34.31 -19.23
CA GLU D 45 7.97 -33.78 -19.82
C GLU D 45 7.72 -32.39 -20.31
N GLY D 46 8.79 -31.63 -20.43
CA GLY D 46 8.76 -30.39 -21.16
C GLY D 46 8.41 -29.25 -20.22
N ASP D 47 8.52 -28.03 -20.75
CA ASP D 47 8.39 -26.83 -19.92
C ASP D 47 7.14 -26.01 -20.22
N GLY D 48 6.16 -26.60 -20.92
CA GLY D 48 4.92 -25.89 -21.22
C GLY D 48 4.76 -25.44 -22.67
N GLY D 49 5.82 -25.55 -23.45
CA GLY D 49 5.75 -25.21 -24.86
C GLY D 49 5.81 -26.49 -25.66
N VAL D 50 6.19 -26.36 -26.92
CA VAL D 50 6.38 -27.49 -27.81
C VAL D 50 7.20 -28.57 -27.07
N GLY D 51 6.76 -29.82 -27.13
CA GLY D 51 7.49 -30.94 -26.51
C GLY D 51 6.95 -31.31 -25.14
N THR D 52 5.98 -30.52 -24.65
CA THR D 52 5.39 -30.81 -23.37
C THR D 52 4.52 -32.05 -23.52
N ILE D 53 4.72 -33.01 -22.63
CA ILE D 53 3.96 -34.28 -22.68
C ILE D 53 3.02 -34.42 -21.45
N LEU D 54 1.76 -34.76 -21.71
CA LEU D 54 0.72 -34.76 -20.68
C LEU D 54 0.01 -36.08 -20.68
N ILE D 55 -0.34 -36.58 -19.48
CA ILE D 55 -1.26 -37.73 -19.40
C ILE D 55 -2.60 -37.30 -18.84
N PHE D 56 -3.67 -37.53 -19.59
CA PHE D 56 -5.05 -37.28 -19.09
C PHE D 56 -5.61 -38.58 -18.60
N ASN D 57 -5.86 -38.67 -17.28
CA ASN D 57 -6.46 -39.86 -16.68
C ASN D 57 -7.95 -39.67 -16.57
N PHE D 58 -8.71 -40.65 -17.06
CA PHE D 58 -10.17 -40.52 -17.07
C PHE D 58 -10.86 -41.16 -15.85
N LEU D 59 -12.10 -40.75 -15.60
CA LEU D 59 -12.96 -41.26 -14.50
C LEU D 59 -13.59 -42.64 -14.83
N PRO D 60 -14.04 -43.38 -13.79
CA PRO D 60 -14.44 -44.79 -13.91
C PRO D 60 -15.45 -45.10 -15.03
N GLU D 61 -16.46 -44.24 -15.23
CA GLU D 61 -17.46 -44.45 -16.29
C GLU D 61 -16.94 -44.25 -17.72
N VAL D 62 -15.64 -43.92 -17.84
CA VAL D 62 -15.00 -43.69 -19.13
C VAL D 62 -13.96 -44.79 -19.42
N SER D 63 -13.89 -45.26 -20.68
CA SER D 63 -12.75 -46.09 -21.16
C SER D 63 -12.46 -45.84 -22.66
N PRO D 64 -11.18 -45.93 -23.11
CA PRO D 64 -9.90 -46.26 -22.45
C PRO D 64 -9.71 -45.41 -21.20
N SER D 65 -8.73 -45.76 -20.36
CA SER D 65 -8.58 -45.12 -19.05
C SER D 65 -7.70 -43.86 -19.09
N TYR D 66 -7.17 -43.52 -20.26
CA TYR D 66 -6.20 -42.39 -20.32
C TYR D 66 -5.90 -42.01 -21.77
N GLN D 67 -5.31 -40.83 -21.96
CA GLN D 67 -4.85 -40.40 -23.28
C GLN D 67 -3.57 -39.64 -22.96
N ARG D 68 -2.47 -40.04 -23.56
CA ARG D 68 -1.25 -39.20 -23.54
C ARG D 68 -1.16 -38.28 -24.74
N GLU D 69 -0.84 -37.01 -24.54
CA GLU D 69 -0.76 -36.03 -25.61
C GLU D 69 0.53 -35.19 -25.52
N GLU D 70 1.03 -34.69 -26.67
CA GLU D 70 2.22 -33.86 -26.68
C GLU D 70 1.89 -32.58 -27.40
N ILE D 71 2.31 -31.43 -26.85
CA ILE D 71 2.19 -30.16 -27.53
C ILE D 71 3.13 -30.14 -28.69
N THR D 72 2.57 -30.07 -29.90
CA THR D 72 3.40 -30.10 -31.14
C THR D 72 3.52 -28.73 -31.77
N GLU D 73 2.60 -27.83 -31.44
CA GLU D 73 2.64 -26.44 -31.96
C GLU D 73 2.29 -25.49 -30.82
N PHE D 74 2.98 -24.36 -30.76
CA PHE D 74 2.70 -23.37 -29.72
C PHE D 74 3.16 -22.03 -30.23
N ASP D 75 2.27 -21.08 -30.39
CA ASP D 75 2.68 -19.76 -30.91
C ASP D 75 1.88 -18.65 -30.25
N GLU D 76 2.55 -17.87 -29.41
CA GLU D 76 1.88 -16.82 -28.66
C GLU D 76 1.38 -15.71 -29.57
N SER D 77 2.10 -15.47 -30.65
CA SER D 77 1.75 -14.39 -31.52
C SER D 77 0.42 -14.65 -32.27
N SER D 78 0.16 -15.89 -32.65
CA SER D 78 -1.07 -16.18 -33.36
C SER D 78 -2.04 -16.92 -32.45
N HIS D 79 -1.64 -17.13 -31.20
CA HIS D 79 -2.46 -17.83 -30.21
C HIS D 79 -2.93 -19.19 -30.72
N GLU D 80 -1.94 -19.99 -31.13
CA GLU D 80 -2.18 -21.31 -31.68
C GLU D 80 -1.49 -22.35 -30.77
N ILE D 81 -2.20 -23.41 -30.40
CA ILE D 81 -1.59 -24.48 -29.65
C ILE D 81 -2.10 -25.79 -30.23
N GLY D 82 -1.22 -26.76 -30.46
CA GLY D 82 -1.67 -28.03 -31.09
C GLY D 82 -1.16 -29.13 -30.21
N LEU D 83 -1.98 -30.16 -30.01
CA LEU D 83 -1.69 -31.33 -29.19
C LEU D 83 -1.95 -32.60 -29.98
N GLN D 84 -0.95 -33.45 -30.03
CA GLN D 84 -1.07 -34.70 -30.79
C GLN D 84 -1.31 -35.81 -29.77
N VAL D 85 -2.28 -36.70 -30.02
CA VAL D 85 -2.47 -37.83 -29.13
C VAL D 85 -1.33 -38.79 -29.44
N ILE D 86 -0.56 -39.17 -28.43
CA ILE D 86 0.55 -40.10 -28.71
C ILE D 86 0.34 -41.53 -28.21
N GLU D 87 -0.60 -41.77 -27.30
CA GLU D 87 -0.78 -43.10 -26.72
C GLU D 87 -2.14 -43.12 -26.12
N GLY D 88 -2.87 -44.23 -26.21
CA GLY D 88 -4.19 -44.39 -25.60
C GLY D 88 -5.26 -43.49 -26.20
N GLY D 89 -6.33 -43.25 -25.45
CA GLY D 89 -7.42 -42.40 -25.93
C GLY D 89 -7.97 -42.87 -27.26
N TYR D 90 -8.17 -41.92 -28.16
CA TYR D 90 -8.71 -42.30 -29.47
C TYR D 90 -7.83 -43.29 -30.22
N LEU D 91 -6.53 -43.33 -29.87
CA LEU D 91 -5.59 -44.24 -30.53
C LEU D 91 -5.75 -45.68 -30.09
N SER D 92 -6.58 -45.90 -29.08
CA SER D 92 -6.98 -47.27 -28.70
C SER D 92 -8.40 -47.57 -29.14
N GLN D 93 -8.98 -46.64 -29.90
CA GLN D 93 -10.33 -46.83 -30.42
C GLN D 93 -10.43 -46.81 -31.93
N GLY D 94 -9.35 -47.12 -32.63
CA GLY D 94 -9.40 -47.18 -34.09
C GLY D 94 -8.76 -46.07 -34.89
N LEU D 95 -8.37 -44.97 -34.22
CA LEU D 95 -7.57 -43.96 -34.92
C LEU D 95 -6.13 -44.41 -34.95
N SER D 96 -5.46 -44.15 -36.05
CA SER D 96 -4.01 -44.34 -36.18
C SER D 96 -3.26 -43.01 -35.99
N TYR D 97 -3.99 -41.91 -36.08
CA TYR D 97 -3.39 -40.58 -35.93
C TYR D 97 -4.44 -39.64 -35.43
N TYR D 98 -4.09 -38.71 -34.52
CA TYR D 98 -5.06 -37.74 -34.02
C TYR D 98 -4.34 -36.52 -33.43
N LYS D 99 -4.68 -35.32 -33.93
CA LYS D 99 -4.01 -34.09 -33.42
C LYS D 99 -5.07 -33.01 -33.42
N THR D 100 -5.06 -32.13 -32.41
CA THR D 100 -6.07 -31.09 -32.32
C THR D 100 -5.32 -29.78 -32.25
N THR D 101 -5.67 -28.84 -33.13
CA THR D 101 -5.04 -27.51 -33.11
C THR D 101 -6.06 -26.44 -32.82
N PHE D 102 -5.82 -25.61 -31.80
CA PHE D 102 -6.77 -24.55 -31.42
C PHE D 102 -6.13 -23.26 -31.87
N LYS D 103 -6.92 -22.37 -32.48
CA LYS D 103 -6.36 -21.06 -32.83
C LYS D 103 -7.29 -20.01 -32.34
N LEU D 104 -6.76 -19.03 -31.61
CA LEU D 104 -7.61 -17.97 -31.04
C LEU D 104 -7.47 -16.62 -31.73
N SER D 105 -8.58 -15.93 -31.95
CA SER D 105 -8.54 -14.56 -32.54
C SER D 105 -9.55 -13.65 -31.89
N GLU D 106 -9.13 -12.42 -31.57
CA GLU D 106 -10.06 -11.43 -31.06
C GLU D 106 -11.08 -11.03 -32.13
N ILE D 107 -12.36 -11.13 -31.76
CA ILE D 107 -13.45 -10.67 -32.63
C ILE D 107 -13.96 -9.36 -32.05
N GLU D 108 -14.04 -9.31 -30.73
CA GLU D 108 -14.43 -8.12 -29.98
C GLU D 108 -13.65 -8.15 -28.67
N GLU D 109 -13.68 -7.04 -27.93
CA GLU D 109 -12.98 -6.95 -26.65
C GLU D 109 -13.29 -8.17 -25.76
N ASP D 110 -14.56 -8.54 -25.70
CA ASP D 110 -14.96 -9.62 -24.82
C ASP D 110 -15.48 -10.84 -25.61
N LYS D 111 -15.13 -10.97 -26.90
CA LYS D 111 -15.49 -12.18 -27.65
C LYS D 111 -14.30 -12.74 -28.43
N THR D 112 -14.14 -14.07 -28.39
CA THR D 112 -12.96 -14.72 -28.97
C THR D 112 -13.38 -15.86 -29.89
N LEU D 113 -12.84 -15.87 -31.12
CA LEU D 113 -13.13 -16.95 -32.07
C LEU D 113 -12.09 -18.04 -31.79
N VAL D 114 -12.55 -19.29 -31.64
CA VAL D 114 -11.65 -20.42 -31.49
C VAL D 114 -11.83 -21.33 -32.70
N ASN D 115 -10.84 -21.37 -33.58
CA ASN D 115 -10.81 -22.37 -34.64
C ASN D 115 -10.24 -23.67 -34.11
N VAL D 116 -10.80 -24.79 -34.57
CA VAL D 116 -10.39 -26.12 -34.17
C VAL D 116 -10.12 -26.94 -35.41
N LYS D 117 -8.87 -27.36 -35.53
CA LYS D 117 -8.45 -28.19 -36.67
C LYS D 117 -8.10 -29.56 -36.12
N ILE D 118 -8.76 -30.59 -36.63
CA ILE D 118 -8.53 -31.97 -36.20
C ILE D 118 -7.91 -32.67 -37.41
N SER D 119 -6.67 -33.14 -37.24
CA SER D 119 -5.98 -33.93 -38.24
C SER D 119 -6.01 -35.39 -37.76
N TYR D 120 -6.42 -36.35 -38.62
CA TYR D 120 -6.66 -37.69 -38.13
C TYR D 120 -6.56 -38.75 -39.24
N ASP D 121 -6.36 -39.99 -38.80
CA ASP D 121 -6.47 -41.10 -39.75
C ASP D 121 -7.00 -42.31 -38.99
N HIS D 122 -7.68 -43.22 -39.68
CA HIS D 122 -8.26 -44.42 -39.06
C HIS D 122 -7.46 -45.64 -39.50
N ASP D 123 -7.31 -46.58 -38.57
CA ASP D 123 -6.78 -47.88 -38.87
C ASP D 123 -7.94 -48.61 -39.54
N SER D 124 -7.78 -48.96 -40.80
CA SER D 124 -8.90 -49.52 -41.56
C SER D 124 -9.20 -50.96 -41.19
N ASP D 125 -8.36 -51.60 -40.40
CA ASP D 125 -8.69 -52.98 -39.99
C ASP D 125 -9.52 -53.04 -38.70
N ILE D 126 -9.55 -51.96 -37.95
CA ILE D 126 -10.33 -51.89 -36.70
C ILE D 126 -11.78 -51.48 -36.97
N GLU D 127 -12.72 -52.23 -36.43
CA GLU D 127 -14.14 -52.00 -36.69
C GLU D 127 -14.64 -50.70 -36.11
N GLU D 128 -14.36 -50.50 -34.82
CA GLU D 128 -14.85 -49.35 -34.09
C GLU D 128 -14.40 -48.16 -34.90
N LYS D 129 -15.35 -47.27 -35.16
CA LYS D 129 -15.10 -46.05 -35.87
C LYS D 129 -15.54 -44.84 -35.01
N VAL D 130 -14.55 -44.09 -34.58
CA VAL D 130 -14.76 -42.83 -33.88
C VAL D 130 -14.56 -41.72 -34.92
N THR D 131 -15.59 -40.90 -35.15
CA THR D 131 -15.54 -39.95 -36.26
C THR D 131 -15.21 -38.55 -35.76
N PRO D 132 -14.58 -37.72 -36.61
CA PRO D 132 -14.24 -36.39 -36.14
C PRO D 132 -15.51 -35.57 -35.91
N THR D 133 -16.64 -35.87 -36.58
CA THR D 133 -17.90 -35.20 -36.23
C THR D 133 -18.15 -35.42 -34.72
N LYS D 134 -18.01 -36.66 -34.24
CA LYS D 134 -18.22 -36.91 -32.81
C LYS D 134 -17.13 -36.26 -31.92
N THR D 135 -15.86 -36.48 -32.26
CA THR D 135 -14.75 -36.02 -31.39
C THR D 135 -14.72 -34.50 -31.32
N SER D 136 -15.13 -33.85 -32.42
CA SER D 136 -15.14 -32.38 -32.43
C SER D 136 -16.21 -31.82 -31.51
N GLN D 137 -17.32 -32.53 -31.37
CA GLN D 137 -18.36 -32.08 -30.46
C GLN D 137 -17.84 -32.12 -29.01
N SER D 138 -17.00 -33.11 -28.72
CA SER D 138 -16.38 -33.16 -27.39
C SER D 138 -15.45 -31.98 -27.16
N THR D 139 -14.66 -31.66 -28.18
CA THR D 139 -13.71 -30.57 -28.05
C THR D 139 -14.52 -29.26 -27.88
N LEU D 140 -15.60 -29.11 -28.65
CA LEU D 140 -16.32 -27.86 -28.62
C LEU D 140 -16.98 -27.71 -27.26
N MET D 141 -17.39 -28.83 -26.69
CA MET D 141 -17.97 -28.85 -25.36
C MET D 141 -16.94 -28.38 -24.33
N TYR D 142 -15.69 -28.87 -24.41
CA TYR D 142 -14.66 -28.43 -23.48
C TYR D 142 -14.49 -26.91 -23.57
N LEU D 143 -14.51 -26.38 -24.79
CA LEU D 143 -14.31 -24.94 -24.96
C LEU D 143 -15.46 -24.14 -24.38
N ARG D 144 -16.68 -24.63 -24.59
CA ARG D 144 -17.86 -23.97 -24.01
C ARG D 144 -17.82 -24.04 -22.48
N ARG D 145 -17.32 -25.15 -21.93
CA ARG D 145 -17.11 -25.20 -20.48
C ARG D 145 -16.02 -24.26 -19.96
N LEU D 146 -14.98 -24.03 -20.76
CA LEU D 146 -13.96 -23.08 -20.35
C LEU D 146 -14.56 -21.69 -20.34
N GLU D 147 -15.40 -21.38 -21.34
CA GLU D 147 -16.13 -20.09 -21.35
C GLU D 147 -16.91 -19.91 -20.04
N ARG D 148 -17.69 -20.92 -19.66
CA ARG D 148 -18.51 -20.82 -18.44
C ARG D 148 -17.64 -20.72 -17.19
N TYR D 149 -16.57 -21.50 -17.15
CA TYR D 149 -15.61 -21.40 -16.05
C TYR D 149 -15.04 -20.00 -15.87
N LEU D 150 -14.69 -19.34 -16.97
CA LEU D 150 -14.03 -18.05 -16.88
C LEU D 150 -15.08 -16.95 -16.58
N SER D 151 -16.30 -17.14 -17.07
CA SER D 151 -17.44 -16.24 -16.81
C SER D 151 -18.01 -16.27 -15.41
N ASN D 152 -17.58 -17.20 -14.57
CA ASN D 152 -17.98 -17.12 -13.17
C ASN D 152 -17.05 -17.90 -12.24
O16 ZEA E . 7.07 26.29 23.20
C14 ZEA E . 8.29 26.92 23.72
C13 ZEA E . 7.90 28.35 23.95
C15 ZEA E . 7.58 29.26 22.79
C12 ZEA E . 7.78 28.77 25.21
C11 ZEA E . 7.34 30.17 25.44
N10 ZEA E . 7.74 30.85 26.68
C6 ZEA E . 7.38 30.39 27.92
C5 ZEA E . 7.73 31.12 29.07
N9 ZEA E . 8.39 32.27 29.33
C4 ZEA E . 7.35 30.61 30.29
N7 ZEA E . 7.74 31.41 31.29
C8 ZEA E . 8.39 32.45 30.67
N3 ZEA E . 6.65 29.45 30.41
C2 ZEA E . 6.31 28.77 29.30
N1 ZEA E . 6.69 29.22 28.07
O16 ZEA F . 1.27 38.99 33.26
C14 ZEA F . 2.10 38.89 32.10
C13 ZEA F . 3.32 38.06 32.41
C15 ZEA F . 4.46 38.72 33.15
C12 ZEA F . 3.36 36.78 31.99
C11 ZEA F . 4.51 35.82 32.19
N10 ZEA F . 4.74 35.12 30.94
C6 ZEA F . 4.08 33.96 30.68
C5 ZEA F . 4.26 33.26 29.47
N9 ZEA F . 4.99 33.42 28.33
C4 ZEA F . 3.55 32.08 29.30
N7 ZEA F . 3.84 31.56 28.07
C8 ZEA F . 4.75 32.39 27.48
N3 ZEA F . 2.66 31.61 30.26
C2 ZEA F . 2.52 32.32 31.39
N1 ZEA F . 3.20 33.47 31.60
TA1 TBR G . -1.07 40.38 15.83
TA2 TBR G . -1.07 40.65 12.96
TA3 TBR G . -3.48 41.29 14.46
TA4 TBR G . -1.94 43.43 13.23
TA5 TBR G . -1.94 43.15 16.12
TA6 TBR G . 0.48 42.54 14.55
BR1 TBR G . -0.54 38.41 14.19
BR2 TBR G . -3.40 39.25 16.12
BR3 TBR G . -1.35 41.60 18.09
BR4 TBR G . 1.42 40.92 16.31
BR5 TBR G . -3.42 39.68 12.39
BR6 TBR G . -4.48 42.57 16.47
BR7 TBR G . -2.61 45.31 14.90
BR8 TBR G . 0.35 44.63 12.99
BR9 TBR G . -1.45 42.22 10.97
BRA TBR G . -4.52 43.07 12.90
BRB TBR G . 0.40 44.22 16.53
BRC TBR G . 1.47 41.02 12.67
TA1 TBR H . -7.90 35.60 16.54
TA2 TBR H . -7.84 38.39 17.33
TA3 TBR H . -10.35 37.17 16.56
TA4 TBR H . -9.87 37.90 19.35
TA5 TBR H . -9.94 35.09 18.57
TA6 TBR H . -7.40 36.32 19.34
BR1 TBR H . -6.38 37.41 15.41
BR2 TBR H . -9.49 35.83 14.49
BR3 TBR H . -9.00 33.27 16.93
BR4 TBR H . -5.76 34.91 17.88
BR5 TBR H . -9.42 39.34 15.49
BR6 TBR H . -12.04 35.26 17.03
BR7 TBR H . -11.36 36.08 20.50
BR8 TBR H . -8.21 37.73 21.37
BR9 TBR H . -8.87 40.25 18.84
BRA TBR H . -11.97 38.64 17.99
BRB TBR H . -8.32 34.10 20.35
BRC TBR H . -5.74 38.25 18.84
N1 EPE I . 17.92 24.44 13.91
C2 EPE I . 17.24 25.59 14.49
C3 EPE I . 15.83 25.71 13.85
N4 EPE I . 15.97 25.88 12.41
C5 EPE I . 16.89 24.95 11.73
C6 EPE I . 18.20 24.66 12.47
C7 EPE I . 14.70 26.06 11.70
C8 EPE I . 14.67 27.19 10.70
O8 EPE I . 15.34 26.83 9.51
C9 EPE I . 19.13 24.14 14.70
C10 EPE I . 19.79 22.83 14.31
S EPE I . 21.15 22.49 15.47
O1S EPE I . 20.55 22.35 16.82
O2S EPE I . 22.06 23.67 15.37
O3S EPE I . 21.82 21.24 15.11
NA NA J . -7.37 1.76 -13.13
O16 ZEA K . 0.38 22.04 4.64
C14 ZEA K . 0.80 21.51 3.35
C13 ZEA K . 0.81 20.04 3.62
C15 ZEA K . 1.85 19.46 4.56
C12 ZEA K . -0.15 19.29 3.05
C11 ZEA K . -0.26 17.81 3.31
N10 ZEA K . -0.76 16.96 2.23
C6 ZEA K . -2.00 17.09 1.61
C5 ZEA K . -2.37 16.18 0.63
N9 ZEA K . -1.80 15.09 0.03
C4 ZEA K . -3.62 16.37 0.02
N7 ZEA K . -3.83 15.43 -0.89
C8 ZEA K . -2.70 14.66 -0.90
N3 ZEA K . -4.45 17.37 0.41
C2 ZEA K . -4.05 18.22 1.38
N1 ZEA K . -2.87 18.07 1.98
O16 ZEA L . -1.08 13.25 2.92
C14 ZEA L . -1.72 13.98 3.99
C13 ZEA L . -3.19 14.34 3.78
C15 ZEA L . -3.88 15.05 4.89
C12 ZEA L . -3.82 14.09 2.60
C11 ZEA L . -5.26 14.43 2.24
N10 ZEA L . -6.11 13.35 2.73
C6 ZEA L . -5.86 12.07 2.32
C5 ZEA L . -6.66 11.05 2.83
N9 ZEA L . -7.70 11.04 3.69
C4 ZEA L . -6.43 9.76 2.43
N7 ZEA L . -7.31 8.94 3.05
C8 ZEA L . -8.09 9.74 3.83
N3 ZEA L . -5.42 9.41 1.56
C2 ZEA L . -4.67 10.41 1.06
N1 ZEA L . -4.88 11.71 1.44
NA NA M . 5.64 1.83 14.14
TA1 TBR N . -10.94 -3.74 -17.24
TA2 TBR N . -9.90 -6.44 -17.65
TA3 TBR N . -8.43 -4.56 -16.00
TA4 TBR N . -9.81 -6.83 -14.77
TA5 TBR N . -10.84 -4.14 -14.38
TA6 TBR N . -12.28 -6.03 -16.06
BR1 TBR N . -10.48 -4.77 -19.58
BR2 TBR N . -8.70 -2.43 -17.48
BR3 TBR N . -11.77 -1.98 -15.50
BR4 TBR N . -13.43 -4.33 -17.71
BR5 TBR N . -7.39 -5.91 -18.03
BR6 TBR N . -8.55 -2.95 -13.94
BR7 TBR N . -10.34 -5.82 -12.43
BR8 TBR N . -12.09 -8.08 -14.46
BR9 TBR N . -9.09 -8.64 -16.47
BRA TBR N . -7.32 -6.23 -14.36
BRB TBR N . -13.36 -4.74 -14.09
BRC TBR N . -12.19 -7.60 -18.11
TA1 TBR O . 15.62 -22.23 -2.12
TA2 TBR O . 18.17 -23.57 -2.61
TA3 TBR O . 17.47 -21.18 -4.13
TA4 TBR O . 19.60 -21.10 -2.16
TA5 TBR O . 17.06 -19.72 -1.65
TA6 TBR O . 17.76 -22.11 -0.13
BR1 TBR O . 15.89 -24.78 -2.69
BR2 TBR O . 14.99 -21.78 -4.61
BR3 TBR O . 14.48 -20.01 -1.40
BR4 TBR O . 15.35 -22.87 0.41
BR5 TBR O . 18.20 -23.42 -5.21
BR6 TBR O . 16.74 -18.68 -4.03
BR7 TBR O . 19.41 -18.62 -1.44
BR8 TBR O . 20.24 -21.47 0.35
BR9 TBR O . 20.76 -23.39 -2.62
BRA TBR O . 19.88 -20.34 -4.63
BRB TBR O . 17.12 -19.82 0.94
BRC TBR O . 18.36 -24.63 -0.24
O16 ZEA P . -6.14 -26.59 -23.17
C14 ZEA P . -5.56 -27.25 -24.33
C13 ZEA P . -5.43 -28.73 -23.98
C15 ZEA P . -4.36 -29.12 -23.00
C12 ZEA P . -6.26 -29.63 -24.54
C11 ZEA P . -6.22 -31.10 -24.21
N10 ZEA P . -6.65 -32.08 -25.23
C6 ZEA P . -7.88 -32.03 -25.81
C5 ZEA P . -8.22 -33.04 -26.70
N9 ZEA P . -7.58 -34.13 -27.19
C4 ZEA P . -9.48 -32.99 -27.28
N7 ZEA P . -9.65 -34.05 -28.12
C8 ZEA P . -8.46 -34.74 -28.07
N3 ZEA P . -10.37 -31.99 -27.00
C2 ZEA P . -10.04 -31.03 -26.12
N1 ZEA P . -8.84 -31.05 -25.54
O16 ZEA Q . -10.92 -42.26 -25.37
C14 ZEA Q . -12.08 -41.42 -25.24
C13 ZEA Q . -11.74 -39.94 -25.27
C15 ZEA Q . -10.34 -39.52 -25.65
C12 ZEA Q . -12.74 -39.08 -24.96
C11 ZEA Q . -12.69 -37.56 -24.95
N10 ZEA Q . -11.40 -37.00 -24.56
C6 ZEA Q . -11.32 -35.69 -24.18
C5 ZEA Q . -10.11 -35.15 -23.77
N9 ZEA Q . -8.83 -35.59 -23.66
C4 ZEA Q . -10.09 -33.83 -23.37
N7 ZEA Q . -8.84 -33.48 -23.03
C8 ZEA Q . -8.07 -34.57 -23.21
N3 ZEA Q . -11.21 -33.05 -23.38
C2 ZEA Q . -12.38 -33.61 -23.77
N1 ZEA Q . -12.45 -34.91 -24.15
TA1 TBR R . 0.50 -22.08 -37.02
TA2 TBR R . 1.76 -19.70 -38.18
TA3 TBR R . 3.42 -21.78 -37.05
TA4 TBR R . 3.35 -21.38 -39.94
TA5 TBR R . 2.08 -23.74 -38.78
TA6 TBR R . 0.45 -21.62 -39.92
BR1 TBR R . -0.05 -19.64 -36.31
BR2 TBR R . 2.03 -22.41 -34.94
BR3 TBR R . 0.29 -24.67 -37.11
BR4 TBR R . -1.66 -22.14 -38.51
BR5 TBR R . 3.44 -19.33 -36.24
BR6 TBR R . 3.89 -24.35 -37.03
BR7 TBR R . 3.95 -23.84 -40.58
BR8 TBR R . 1.85 -21.16 -42.07
BR9 TBR R . 3.37 -18.79 -40.02
BRA TBR R . 5.53 -21.36 -38.54
BRB TBR R . 0.35 -24.09 -40.70
BRC TBR R . -0.19 -19.11 -39.81
#